data_1RU3
#
_entry.id   1RU3
#
_cell.length_a   200.310
_cell.length_b   200.310
_cell.length_c   169.410
_cell.angle_alpha   90.00
_cell.angle_beta   90.00
_cell.angle_gamma   120.00
#
_symmetry.space_group_name_H-M   'H 3 2'
#
loop_
_entity.id
_entity.type
_entity.pdbx_description
1 polymer 'Acetyl-CoA synthase'
2 non-polymer 'NICKEL (II) ION'
3 non-polymer 'IRON/SULFUR CLUSTER'
4 non-polymer GLYCEROL
5 water water
#
_entity_poly.entity_id   1
_entity_poly.type   'polypeptide(L)'
_entity_poly.pdbx_seq_one_letter_code
;MSEVINFDQIFEGAIEPGKEPKRLFKEVYEGAITATSYAEILLSRAIEKYGPDHPVGYPDTAYFLPVIRAFSGEEVRTLK
DMVPILNRMRAQIKSELTFENARLAGEATWYAAEIIEALRYLKHTPENPIVVPPWTGFIGDPVVRQYGIKMVDWTIPGEA
IIIGRAKDSKAAKKIVDDLMGKGLMLFLCDEIIEQLLEENVKLGVDYIAYPLGNFTQVVHAANYALRAGLMFGGIAPGLR
DAHRDYQRRRVLAFVLYLGEHDMVKTAAAMGAIFTGFPVITDQPLPEDKQIKDWFISEPDYDKIVQTALEVRGIKITSID
IDLPINFGPAFEGESIRKGDMHVEFGGGKTPSFELVRMVGPDEIEDGKVEVIGPDIDSVEPGGRLPIGIVVDIYGRKMQE
DFEPVLERRIHYFTNYGEGFWHTAQRDLTWVRISKEAFAKGARLKHLGQLLYAKFKQEFPSIVDRVQVTIYTDEQKVLEL
REIARKKYAERDARLRELSDEAVDTYYSCLLCQSFAPTHVCIVSPERVGLCGAISWLDAKAAYEINPNGPNQPIPKEGLI
DPVKGQWESFNEYIYKNSQRTIERMNLYTIMEYPMTSCGCFEAIMAYLPELNGFMIVNREHSGMTPIGMTFSTLAGMVGG
GTQTPGFMGIGKSYIGSRKFVKADGGLARVVWMPKDLKEQLRSIIEERAEEEGLGRDFIDKIADETVGTTVDEVLPFLEE
KGHPALSMEPLL
;
_entity_poly.pdbx_strand_id   A
#
loop_
_chem_comp.id
_chem_comp.type
_chem_comp.name
_chem_comp.formula
GOL non-polymer GLYCEROL 'C3 H8 O3'
NI non-polymer 'NICKEL (II) ION' 'Ni 2'
SF4 non-polymer 'IRON/SULFUR CLUSTER' 'Fe4 S4'
#
# COMPACT_ATOMS: atom_id res chain seq x y z
N ILE A 5 18.01 13.06 15.10
CA ILE A 5 16.61 12.55 15.08
C ILE A 5 16.09 12.33 16.51
N ASN A 6 15.40 13.34 17.06
CA ASN A 6 14.87 13.22 18.42
C ASN A 6 13.41 12.88 18.30
N PHE A 7 13.13 11.59 18.28
CA PHE A 7 11.75 11.20 18.14
C PHE A 7 10.88 11.84 19.22
N ASP A 8 11.47 12.00 20.40
CA ASP A 8 10.70 12.48 21.55
C ASP A 8 10.06 13.84 21.45
N GLN A 9 10.51 14.60 20.46
CA GLN A 9 9.95 15.91 20.26
C GLN A 9 8.43 15.77 20.13
N ILE A 10 7.93 14.64 19.67
CA ILE A 10 6.48 14.56 19.55
C ILE A 10 5.83 14.62 20.92
N PHE A 11 6.62 14.49 22.00
CA PHE A 11 6.07 14.54 23.35
C PHE A 11 6.25 15.91 24.00
N GLU A 12 6.68 16.90 23.23
CA GLU A 12 6.86 18.20 23.85
C GLU A 12 5.56 18.99 23.94
N GLY A 13 5.45 19.73 25.03
CA GLY A 13 4.24 20.51 25.28
C GLY A 13 3.10 19.56 25.59
N ALA A 14 3.43 18.35 25.99
CA ALA A 14 2.41 17.35 26.29
C ALA A 14 1.73 17.70 27.61
N ILE A 15 2.51 17.91 28.65
CA ILE A 15 1.94 18.24 29.93
C ILE A 15 2.79 19.35 30.52
N GLU A 16 2.11 20.41 30.96
CA GLU A 16 2.75 21.57 31.52
C GLU A 16 3.79 21.17 32.54
N PRO A 17 4.81 22.01 32.72
CA PRO A 17 5.89 21.72 33.68
C PRO A 17 5.38 21.78 35.11
N GLY A 18 4.23 21.15 35.33
CA GLY A 18 3.62 21.10 36.65
C GLY A 18 2.58 20.01 36.77
N LYS A 19 1.65 19.96 35.81
CA LYS A 19 0.57 18.96 35.83
C LYS A 19 0.99 17.53 35.55
N GLU A 20 2.23 17.22 35.86
CA GLU A 20 2.71 15.87 35.62
C GLU A 20 1.80 14.94 36.41
N PRO A 21 1.05 14.07 35.72
CA PRO A 21 0.16 13.15 36.44
C PRO A 21 0.91 12.11 37.27
N LYS A 22 1.35 12.51 38.47
CA LYS A 22 2.09 11.60 39.34
C LYS A 22 1.32 10.31 39.68
N ARG A 23 0.05 10.25 39.34
CA ARG A 23 -0.73 9.04 39.62
C ARG A 23 -0.29 8.01 38.57
N LEU A 24 -0.72 8.23 37.32
CA LEU A 24 -0.39 7.37 36.21
C LEU A 24 1.10 6.97 36.25
N PHE A 25 1.95 7.91 36.58
CA PHE A 25 3.35 7.59 36.62
C PHE A 25 3.73 6.60 37.70
N LYS A 26 2.90 6.49 38.74
CA LYS A 26 3.18 5.55 39.83
C LYS A 26 2.64 4.18 39.43
N GLU A 27 1.49 4.15 38.80
CA GLU A 27 0.99 2.86 38.41
C GLU A 27 2.04 2.23 37.45
N VAL A 28 2.24 2.90 36.31
CA VAL A 28 3.22 2.49 35.27
C VAL A 28 4.52 1.96 35.92
N TYR A 29 5.08 2.75 36.81
CA TYR A 29 6.32 2.37 37.48
C TYR A 29 6.21 1.01 38.20
N GLU A 30 5.17 0.88 39.03
CA GLU A 30 4.96 -0.34 39.79
C GLU A 30 4.77 -1.50 38.85
N GLY A 31 3.85 -1.31 37.92
CA GLY A 31 3.54 -2.33 36.95
C GLY A 31 4.73 -2.71 36.08
N ALA A 32 5.68 -1.79 35.90
CA ALA A 32 6.84 -2.08 35.05
C ALA A 32 7.80 -2.89 35.90
N ILE A 33 7.89 -2.54 37.17
CA ILE A 33 8.78 -3.28 38.06
C ILE A 33 8.21 -4.68 38.21
N THR A 34 6.89 -4.79 38.07
CA THR A 34 6.25 -6.08 38.25
C THR A 34 6.51 -7.01 37.08
N ALA A 35 6.22 -6.54 35.86
CA ALA A 35 6.44 -7.30 34.58
C ALA A 35 7.87 -7.85 34.47
N THR A 36 8.81 -6.99 34.85
CA THR A 36 10.22 -7.33 34.84
C THR A 36 10.59 -8.43 35.83
N SER A 37 10.04 -8.31 37.03
CA SER A 37 10.34 -9.27 38.10
C SER A 37 9.80 -10.58 37.64
N TYR A 38 8.62 -10.52 37.03
CA TYR A 38 8.04 -11.77 36.54
C TYR A 38 8.99 -12.42 35.55
N ALA A 39 9.41 -11.62 34.56
CA ALA A 39 10.30 -12.13 33.53
C ALA A 39 11.56 -12.62 34.20
N GLU A 40 12.11 -11.82 35.11
CA GLU A 40 13.33 -12.34 35.73
C GLU A 40 13.19 -13.72 36.36
N ILE A 41 12.12 -13.90 37.15
CA ILE A 41 11.94 -15.16 37.89
C ILE A 41 11.56 -16.22 36.89
N LEU A 42 10.70 -15.90 35.96
CA LEU A 42 10.38 -16.99 35.05
C LEU A 42 11.61 -17.38 34.17
N LEU A 43 12.58 -16.48 33.94
CA LEU A 43 13.75 -16.80 33.09
C LEU A 43 14.68 -17.65 33.90
N SER A 44 14.83 -17.25 35.16
CA SER A 44 15.69 -17.99 36.08
C SER A 44 15.28 -19.46 36.10
N ARG A 45 14.00 -19.70 36.01
CA ARG A 45 13.51 -21.07 36.06
C ARG A 45 13.68 -21.81 34.80
N ALA A 46 13.55 -21.10 33.70
CA ALA A 46 13.71 -21.74 32.42
C ALA A 46 15.17 -22.20 32.37
N ILE A 47 16.08 -21.39 32.92
CA ILE A 47 17.50 -21.74 32.89
C ILE A 47 17.89 -22.91 33.82
N GLU A 48 17.28 -23.02 34.99
CA GLU A 48 17.56 -24.12 35.93
C GLU A 48 17.06 -25.39 35.28
N LYS A 49 15.90 -25.31 34.63
CA LYS A 49 15.30 -26.45 33.98
C LYS A 49 15.84 -26.87 32.62
N TYR A 50 16.21 -25.91 31.77
CA TYR A 50 16.69 -26.26 30.43
C TYR A 50 18.16 -26.03 30.17
N GLY A 51 18.82 -25.27 31.01
CA GLY A 51 20.22 -24.96 30.75
C GLY A 51 20.31 -23.58 30.10
N PRO A 52 21.37 -22.83 30.38
CA PRO A 52 21.46 -21.49 29.76
C PRO A 52 21.64 -21.37 28.23
N ASP A 53 22.12 -22.41 27.54
CA ASP A 53 22.31 -22.35 26.08
C ASP A 53 21.15 -23.01 25.39
N HIS A 54 20.09 -23.18 26.14
CA HIS A 54 18.95 -23.83 25.52
C HIS A 54 18.26 -22.82 24.60
N PRO A 55 17.84 -23.26 23.41
CA PRO A 55 17.18 -22.33 22.49
C PRO A 55 15.88 -21.77 22.94
N VAL A 56 15.56 -20.57 22.48
CA VAL A 56 14.30 -19.95 22.84
C VAL A 56 13.90 -19.04 21.74
N GLY A 57 12.60 -18.90 21.53
CA GLY A 57 12.11 -18.05 20.49
C GLY A 57 10.69 -18.38 20.08
N TYR A 58 10.25 -17.69 19.04
CA TYR A 58 8.94 -17.79 18.51
C TYR A 58 8.86 -18.65 17.29
N PRO A 59 7.70 -19.20 16.99
CA PRO A 59 7.72 -20.01 15.80
C PRO A 59 7.44 -19.20 14.55
N ASP A 60 7.94 -19.66 13.43
CA ASP A 60 7.66 -18.96 12.15
C ASP A 60 8.06 -17.48 12.03
N THR A 61 9.26 -17.12 12.49
CA THR A 61 9.71 -15.72 12.33
C THR A 61 11.17 -15.64 12.06
N ALA A 62 11.57 -14.69 11.25
CA ALA A 62 12.99 -14.57 11.00
C ALA A 62 13.53 -13.51 11.96
N TYR A 63 12.69 -12.92 12.81
CA TYR A 63 13.15 -11.82 13.65
C TYR A 63 13.45 -12.00 15.14
N PHE A 64 13.87 -13.21 15.53
CA PHE A 64 14.23 -13.51 16.92
C PHE A 64 13.05 -12.97 17.81
N LEU A 65 13.27 -12.19 18.87
CA LEU A 65 12.13 -11.56 19.61
C LEU A 65 12.11 -10.18 18.98
N PRO A 66 11.16 -9.96 18.06
CA PRO A 66 11.02 -8.71 17.34
C PRO A 66 11.11 -7.41 18.00
N VAL A 67 10.42 -7.23 19.12
CA VAL A 67 10.43 -5.94 19.80
C VAL A 67 11.84 -5.58 20.20
N ILE A 68 12.55 -6.58 20.69
CA ILE A 68 13.90 -6.36 21.12
C ILE A 68 14.82 -6.24 19.87
N ARG A 69 14.64 -7.09 18.84
CA ARG A 69 15.48 -7.00 17.67
C ARG A 69 15.43 -5.55 17.11
N ALA A 70 14.24 -4.98 17.06
CA ALA A 70 14.08 -3.63 16.61
C ALA A 70 14.65 -2.56 17.53
N PHE A 71 14.12 -2.42 18.73
CA PHE A 71 14.59 -1.29 19.52
C PHE A 71 16.02 -1.30 19.98
N SER A 72 16.61 -2.46 20.22
CA SER A 72 18.01 -2.39 20.63
C SER A 72 18.86 -3.40 19.85
N GLY A 73 18.26 -4.21 19.00
CA GLY A 73 19.05 -5.09 18.14
C GLY A 73 19.50 -6.48 18.50
N GLU A 74 19.53 -6.85 19.79
CA GLU A 74 19.96 -8.22 20.13
C GLU A 74 19.18 -9.27 19.30
N GLU A 75 19.81 -10.38 18.99
CA GLU A 75 19.12 -11.43 18.24
C GLU A 75 19.00 -12.59 19.25
N VAL A 76 17.99 -12.52 20.13
CA VAL A 76 17.79 -13.53 21.18
C VAL A 76 17.59 -14.88 20.48
N ARG A 77 18.39 -15.89 20.83
CA ARG A 77 18.35 -17.21 20.27
C ARG A 77 18.37 -18.28 21.36
N THR A 78 18.96 -17.94 22.48
CA THR A 78 19.04 -18.86 23.60
C THR A 78 18.82 -18.11 24.92
N LEU A 79 18.40 -18.86 25.96
CA LEU A 79 18.09 -18.31 27.29
C LEU A 79 19.11 -17.35 27.86
N LYS A 80 20.39 -17.69 27.75
CA LYS A 80 21.42 -16.83 28.34
C LYS A 80 21.31 -15.47 27.68
N ASP A 81 20.75 -15.36 26.47
CA ASP A 81 20.72 -14.02 25.87
C ASP A 81 19.80 -13.04 26.58
N MET A 82 18.80 -13.56 27.27
CA MET A 82 17.82 -12.67 27.94
C MET A 82 18.36 -12.05 29.23
N VAL A 83 19.32 -12.72 29.87
CA VAL A 83 19.85 -12.16 31.11
C VAL A 83 20.36 -10.70 31.09
N PRO A 84 21.38 -10.33 30.22
CA PRO A 84 21.84 -8.90 30.23
C PRO A 84 20.71 -7.95 29.75
N ILE A 85 19.80 -8.45 28.94
CA ILE A 85 18.77 -7.52 28.52
C ILE A 85 17.87 -7.17 29.72
N LEU A 86 17.41 -8.18 30.50
CA LEU A 86 16.55 -7.85 31.68
C LEU A 86 17.29 -6.94 32.63
N ASN A 87 18.60 -7.19 32.83
CA ASN A 87 19.39 -6.33 33.70
C ASN A 87 19.28 -4.90 33.23
N ARG A 88 19.45 -4.70 31.93
CA ARG A 88 19.43 -3.35 31.41
C ARG A 88 18.07 -2.75 31.53
N MET A 89 17.03 -3.51 31.20
CA MET A 89 15.70 -2.91 31.33
C MET A 89 15.42 -2.51 32.79
N ARG A 90 15.84 -3.35 33.73
CA ARG A 90 15.60 -3.09 35.13
C ARG A 90 16.23 -1.75 35.44
N ALA A 91 17.49 -1.62 35.07
CA ALA A 91 18.20 -0.40 35.35
C ALA A 91 17.59 0.79 34.67
N GLN A 92 16.64 0.60 33.75
CA GLN A 92 16.08 1.79 33.14
C GLN A 92 14.70 2.20 33.66
N ILE A 93 14.25 1.51 34.69
CA ILE A 93 12.95 1.85 35.26
C ILE A 93 13.37 2.77 36.41
N LYS A 94 13.01 4.04 36.31
CA LYS A 94 13.45 4.99 37.32
C LYS A 94 12.30 5.59 38.09
N SER A 95 12.63 5.97 39.34
CA SER A 95 11.63 6.53 40.27
C SER A 95 11.17 7.96 40.03
N GLU A 96 12.03 8.82 39.47
CA GLU A 96 11.57 10.18 39.21
C GLU A 96 10.38 10.05 38.29
N LEU A 97 9.24 10.57 38.72
CA LEU A 97 8.03 10.47 37.94
C LEU A 97 7.91 11.38 36.72
N THR A 98 8.79 11.20 35.72
CA THR A 98 8.68 12.00 34.49
C THR A 98 8.02 11.23 33.35
N PHE A 99 7.44 11.96 32.40
CA PHE A 99 6.77 11.35 31.24
C PHE A 99 7.78 10.47 30.52
N GLU A 100 9.05 10.85 30.63
CA GLU A 100 10.15 10.15 30.05
C GLU A 100 10.39 8.80 30.74
N ASN A 101 10.58 8.83 32.07
CA ASN A 101 10.79 7.61 32.86
C ASN A 101 9.60 6.71 32.72
N ALA A 102 8.44 7.30 32.63
CA ALA A 102 7.27 6.53 32.38
C ALA A 102 7.55 5.77 31.04
N ARG A 103 7.63 6.48 29.91
CA ARG A 103 7.86 5.88 28.54
C ARG A 103 8.94 4.78 28.50
N LEU A 104 10.05 5.04 29.17
CA LEU A 104 11.15 4.14 29.35
C LEU A 104 10.68 2.87 30.12
N ALA A 105 9.67 3.02 31.00
CA ALA A 105 9.14 1.89 31.79
C ALA A 105 8.18 1.12 30.91
N GLY A 106 7.44 1.87 30.11
CA GLY A 106 6.55 1.21 29.18
C GLY A 106 7.38 0.33 28.23
N GLU A 107 8.56 0.81 27.83
CA GLU A 107 9.41 0.05 26.93
C GLU A 107 9.91 -1.20 27.64
N ALA A 108 10.41 -1.03 28.89
CA ALA A 108 10.89 -2.20 29.63
C ALA A 108 9.73 -3.19 29.82
N THR A 109 8.49 -2.68 29.82
CA THR A 109 7.38 -3.57 29.99
C THR A 109 7.18 -4.39 28.72
N TRP A 110 7.32 -3.77 27.55
CA TRP A 110 7.19 -4.53 26.29
C TRP A 110 8.32 -5.56 26.27
N TYR A 111 9.50 -5.20 26.77
CA TYR A 111 10.57 -6.19 26.76
C TYR A 111 10.22 -7.40 27.62
N ALA A 112 9.87 -7.13 28.90
CA ALA A 112 9.53 -8.16 29.90
C ALA A 112 8.50 -9.08 29.31
N ALA A 113 7.49 -8.45 28.71
CA ALA A 113 6.41 -9.17 28.08
C ALA A 113 6.87 -10.08 26.96
N GLU A 114 7.77 -9.53 26.13
CA GLU A 114 8.29 -10.24 24.97
C GLU A 114 9.07 -11.45 25.49
N ILE A 115 9.80 -11.22 26.55
CA ILE A 115 10.59 -12.30 27.09
C ILE A 115 9.65 -13.39 27.70
N ILE A 116 8.66 -12.95 28.47
CA ILE A 116 7.75 -13.89 29.10
C ILE A 116 7.09 -14.75 28.04
N GLU A 117 6.62 -14.10 26.99
CA GLU A 117 5.98 -14.85 25.91
C GLU A 117 6.92 -15.82 25.24
N ALA A 118 8.14 -15.38 24.96
CA ALA A 118 9.03 -16.33 24.30
C ALA A 118 9.28 -17.50 25.22
N LEU A 119 9.43 -17.20 26.51
CA LEU A 119 9.71 -18.23 27.51
C LEU A 119 8.60 -19.26 27.53
N ARG A 120 7.42 -18.75 27.24
CA ARG A 120 6.25 -19.55 27.20
C ARG A 120 6.17 -20.43 25.97
N TYR A 121 6.89 -20.08 24.92
CA TYR A 121 6.83 -20.88 23.71
C TYR A 121 7.79 -22.06 23.77
N LEU A 122 8.51 -22.14 24.89
CA LEU A 122 9.44 -23.21 25.17
C LEU A 122 8.69 -24.53 25.24
N LYS A 123 7.39 -24.48 25.47
CA LYS A 123 6.58 -25.69 25.59
C LYS A 123 5.72 -25.82 24.37
N HIS A 124 6.08 -25.11 23.33
CA HIS A 124 5.29 -25.18 22.15
C HIS A 124 5.92 -26.07 21.12
N THR A 125 5.07 -26.74 20.35
CA THR A 125 5.47 -27.61 19.24
C THR A 125 4.22 -27.54 18.36
N PRO A 126 4.36 -27.81 17.05
CA PRO A 126 3.21 -27.74 16.16
C PRO A 126 2.21 -28.88 16.44
N GLU A 127 2.74 -29.94 17.05
CA GLU A 127 1.97 -31.11 17.42
C GLU A 127 1.38 -30.94 18.81
N ASN A 128 1.92 -30.01 19.57
CA ASN A 128 1.44 -29.72 20.92
C ASN A 128 1.51 -28.23 21.21
N PRO A 129 0.78 -27.43 20.41
CA PRO A 129 0.67 -25.96 20.48
C PRO A 129 0.15 -25.45 21.81
N ILE A 130 0.66 -24.31 22.25
CA ILE A 130 0.25 -23.75 23.53
C ILE A 130 -0.99 -22.89 23.53
N VAL A 131 -1.09 -21.91 22.67
CA VAL A 131 -2.27 -21.10 22.65
C VAL A 131 -2.85 -21.42 21.30
N VAL A 132 -3.68 -22.48 21.30
CA VAL A 132 -4.40 -22.99 20.12
C VAL A 132 -5.67 -22.15 19.93
N PRO A 133 -6.22 -22.11 18.69
CA PRO A 133 -7.42 -21.34 18.36
C PRO A 133 -8.49 -21.37 19.44
N PRO A 134 -9.42 -20.41 19.40
CA PRO A 134 -9.58 -19.28 18.45
C PRO A 134 -8.39 -18.29 18.40
N TRP A 135 -7.73 -18.17 19.55
CA TRP A 135 -6.58 -17.31 19.75
C TRP A 135 -5.40 -17.55 18.78
N THR A 136 -4.52 -16.55 18.67
CA THR A 136 -3.37 -16.64 17.77
C THR A 136 -2.02 -16.79 18.45
N GLY A 137 -1.84 -16.09 19.58
CA GLY A 137 -0.58 -16.10 20.29
C GLY A 137 0.37 -15.30 19.39
N PHE A 138 1.62 -15.73 19.25
CA PHE A 138 2.56 -15.03 18.37
C PHE A 138 2.08 -15.23 16.93
N ILE A 139 1.90 -14.15 16.18
CA ILE A 139 1.45 -14.23 14.78
C ILE A 139 2.68 -14.32 13.81
N GLY A 140 2.73 -15.38 13.00
CA GLY A 140 3.86 -15.58 12.09
C GLY A 140 4.25 -14.53 11.05
N ASP A 141 5.52 -14.63 10.60
CA ASP A 141 6.02 -13.71 9.56
C ASP A 141 5.10 -13.71 8.31
N PRO A 142 4.68 -14.90 7.81
CA PRO A 142 3.84 -14.85 6.61
C PRO A 142 2.60 -13.98 6.68
N VAL A 143 1.93 -13.85 7.82
CA VAL A 143 0.78 -12.97 7.75
C VAL A 143 1.19 -11.53 7.89
N VAL A 144 2.23 -11.25 8.66
CA VAL A 144 2.68 -9.86 8.74
C VAL A 144 3.09 -9.46 7.30
N ARG A 145 3.80 -10.33 6.61
CA ARG A 145 4.23 -10.03 5.25
C ARG A 145 2.98 -9.71 4.43
N GLN A 146 2.04 -10.64 4.39
CA GLN A 146 0.80 -10.49 3.62
C GLN A 146 -0.11 -9.32 3.98
N TYR A 147 -0.38 -9.08 5.26
CA TYR A 147 -1.25 -7.96 5.66
C TYR A 147 -0.50 -6.74 6.20
N GLY A 148 0.79 -6.89 6.47
CA GLY A 148 1.55 -5.77 7.00
C GLY A 148 1.67 -4.63 5.99
N ILE A 149 1.95 -4.97 4.75
CA ILE A 149 2.10 -3.95 3.73
C ILE A 149 0.80 -3.18 3.60
N LYS A 150 -0.32 -3.90 3.52
CA LYS A 150 -1.67 -3.30 3.44
C LYS A 150 -1.77 -2.34 4.62
N MET A 151 -1.07 -2.71 5.69
CA MET A 151 -1.11 -1.90 6.87
C MET A 151 -0.30 -0.63 6.69
N VAL A 152 0.98 -0.74 6.33
CA VAL A 152 1.80 0.50 6.24
C VAL A 152 1.54 1.38 5.00
N ASP A 153 0.86 0.86 3.96
CA ASP A 153 0.56 1.73 2.81
C ASP A 153 -0.83 2.35 3.03
N TRP A 154 -1.41 2.03 4.19
CA TRP A 154 -2.71 2.55 4.63
C TRP A 154 -3.99 2.02 3.95
N THR A 155 -3.89 0.94 3.20
CA THR A 155 -5.07 0.35 2.59
C THR A 155 -5.99 0.12 3.81
N ILE A 156 -5.47 -0.60 4.80
CA ILE A 156 -6.15 -0.86 6.07
C ILE A 156 -5.76 0.45 6.76
N PRO A 157 -6.76 1.33 7.01
CA PRO A 157 -6.69 2.66 7.63
C PRO A 157 -6.15 2.88 9.03
N GLY A 158 -6.19 1.85 9.85
CA GLY A 158 -5.70 2.05 11.21
C GLY A 158 -5.77 0.71 11.90
N GLU A 159 -5.14 0.64 13.06
CA GLU A 159 -5.13 -0.61 13.80
C GLU A 159 -5.64 -0.38 15.20
N ALA A 160 -6.51 -1.30 15.62
CA ALA A 160 -7.08 -1.21 16.97
C ALA A 160 -6.51 -2.30 17.89
N ILE A 161 -5.93 -1.87 18.99
CA ILE A 161 -5.36 -2.82 19.93
C ILE A 161 -6.22 -2.71 21.19
N ILE A 162 -7.14 -3.66 21.34
CA ILE A 162 -8.08 -3.70 22.46
C ILE A 162 -7.66 -4.65 23.58
N ILE A 163 -7.32 -4.06 24.71
CA ILE A 163 -6.88 -4.80 25.87
C ILE A 163 -7.89 -4.65 27.05
N GLY A 164 -8.25 -5.77 27.67
CA GLY A 164 -9.19 -5.74 28.79
C GLY A 164 -10.59 -6.30 28.53
N ARG A 165 -11.62 -5.56 28.95
CA ARG A 165 -13.01 -6.01 28.74
C ARG A 165 -13.94 -4.84 28.55
N ALA A 166 -14.95 -5.03 27.70
CA ALA A 166 -15.90 -3.93 27.49
C ALA A 166 -16.97 -4.01 28.59
N LYS A 167 -17.72 -2.92 28.79
CA LYS A 167 -18.75 -2.88 29.84
C LYS A 167 -19.69 -4.07 29.73
N ASP A 168 -19.98 -4.48 28.51
CA ASP A 168 -20.78 -5.68 28.32
C ASP A 168 -20.70 -6.07 26.86
N SER A 169 -21.00 -7.34 26.60
CA SER A 169 -20.98 -7.87 25.25
C SER A 169 -21.57 -6.90 24.24
N LYS A 170 -22.75 -6.36 24.54
CA LYS A 170 -23.37 -5.41 23.63
C LYS A 170 -22.42 -4.24 23.33
N ALA A 171 -21.79 -3.74 24.38
CA ALA A 171 -20.86 -2.63 24.29
C ALA A 171 -19.65 -2.97 23.44
N ALA A 172 -19.09 -4.15 23.67
CA ALA A 172 -17.92 -4.64 22.95
C ALA A 172 -18.26 -4.91 21.50
N LYS A 173 -19.27 -5.73 21.28
CA LYS A 173 -19.70 -6.06 19.93
C LYS A 173 -20.07 -4.83 19.13
N LYS A 174 -20.64 -3.83 19.81
CA LYS A 174 -21.03 -2.62 19.12
C LYS A 174 -19.82 -2.05 18.43
N ILE A 175 -18.86 -1.60 19.23
CA ILE A 175 -17.64 -1.00 18.69
C ILE A 175 -16.80 -1.93 17.77
N VAL A 176 -16.48 -3.13 18.23
CA VAL A 176 -15.71 -4.07 17.44
C VAL A 176 -16.43 -4.43 16.15
N ASP A 177 -17.72 -4.13 16.10
CA ASP A 177 -18.51 -4.45 14.93
C ASP A 177 -18.29 -3.29 13.91
N ASP A 178 -18.30 -2.02 14.37
CA ASP A 178 -18.12 -0.97 13.37
C ASP A 178 -16.69 -0.68 13.08
N LEU A 179 -15.90 -0.66 14.16
CA LEU A 179 -14.47 -0.42 14.10
C LEU A 179 -14.05 -1.38 13.02
N MET A 180 -14.44 -2.62 13.25
CA MET A 180 -14.16 -3.71 12.36
C MET A 180 -14.78 -3.53 10.98
N GLY A 181 -15.92 -2.85 10.93
CA GLY A 181 -16.60 -2.64 9.66
C GLY A 181 -15.96 -1.50 8.90
N LYS A 182 -15.22 -0.64 9.61
CA LYS A 182 -14.55 0.48 8.98
C LYS A 182 -13.20 0.08 8.37
N GLY A 183 -13.05 -1.22 8.12
CA GLY A 183 -11.85 -1.75 7.50
C GLY A 183 -10.58 -1.95 8.30
N LEU A 184 -10.60 -1.61 9.59
CA LEU A 184 -9.42 -1.79 10.42
C LEU A 184 -9.03 -3.21 10.76
N MET A 185 -7.84 -3.31 11.34
CA MET A 185 -7.25 -4.56 11.77
C MET A 185 -7.35 -4.53 13.27
N LEU A 186 -7.52 -5.71 13.86
CA LEU A 186 -7.66 -5.74 15.31
C LEU A 186 -6.76 -6.68 16.05
N PHE A 187 -6.26 -6.18 17.17
CA PHE A 187 -5.46 -6.99 18.07
C PHE A 187 -6.25 -7.00 19.40
N LEU A 188 -6.73 -8.18 19.77
CA LEU A 188 -7.52 -8.28 20.97
C LEU A 188 -6.84 -9.05 22.01
N CYS A 189 -6.99 -8.48 23.19
CA CYS A 189 -6.46 -8.94 24.41
C CYS A 189 -7.03 -8.43 25.62
N ASP A 190 -7.54 -9.60 25.94
CA ASP A 190 -8.12 -10.32 27.02
C ASP A 190 -9.47 -10.69 27.12
N GLU A 191 -10.22 -10.07 28.00
CA GLU A 191 -11.60 -10.44 28.14
C GLU A 191 -12.58 -10.31 26.95
N ILE A 192 -12.44 -9.26 26.14
CA ILE A 192 -13.32 -9.07 25.01
C ILE A 192 -13.30 -10.26 24.06
N ILE A 193 -12.24 -11.03 24.08
CA ILE A 193 -12.28 -12.15 23.18
C ILE A 193 -13.52 -13.01 23.57
N GLU A 194 -13.66 -13.24 24.88
CA GLU A 194 -14.76 -13.98 25.46
C GLU A 194 -16.04 -13.28 25.05
N GLN A 195 -16.23 -12.08 25.59
CA GLN A 195 -17.41 -11.31 25.26
C GLN A 195 -17.75 -11.46 23.78
N LEU A 196 -16.79 -11.12 22.92
CA LEU A 196 -17.02 -11.20 21.49
C LEU A 196 -17.50 -12.53 20.96
N LEU A 197 -16.82 -13.63 21.30
CA LEU A 197 -17.23 -14.94 20.80
C LEU A 197 -18.59 -15.37 21.31
N GLU A 198 -18.90 -14.86 22.51
CA GLU A 198 -20.15 -15.10 23.18
C GLU A 198 -21.25 -14.70 22.20
N GLU A 199 -21.10 -13.49 21.64
CA GLU A 199 -22.06 -12.92 20.71
C GLU A 199 -21.93 -13.38 19.28
N ASN A 200 -21.34 -14.55 19.11
CA ASN A 200 -21.12 -15.15 17.80
C ASN A 200 -20.53 -14.24 16.70
N VAL A 201 -19.64 -13.34 17.10
CA VAL A 201 -18.98 -12.48 16.14
C VAL A 201 -17.79 -13.31 15.63
N LYS A 202 -17.73 -13.55 14.34
CA LYS A 202 -16.62 -14.33 13.83
C LYS A 202 -15.42 -13.46 13.63
N LEU A 203 -14.26 -14.04 13.88
CA LEU A 203 -13.04 -13.29 13.71
C LEU A 203 -11.83 -14.21 13.59
N GLY A 204 -10.67 -13.63 13.30
CA GLY A 204 -9.46 -14.41 13.13
C GLY A 204 -8.58 -13.80 12.05
N VAL A 205 -7.65 -14.60 11.52
CA VAL A 205 -6.73 -14.10 10.51
C VAL A 205 -7.51 -13.61 9.31
N ASP A 206 -8.22 -14.51 8.66
CA ASP A 206 -8.99 -14.14 7.47
C ASP A 206 -9.88 -12.90 7.68
N TYR A 207 -10.12 -12.52 8.93
CA TYR A 207 -10.95 -11.36 9.24
C TYR A 207 -10.14 -10.18 9.76
N ILE A 208 -8.82 -10.39 9.87
CA ILE A 208 -7.86 -9.43 10.39
C ILE A 208 -8.29 -8.94 11.76
N ALA A 209 -8.82 -9.87 12.54
CA ALA A 209 -9.29 -9.66 13.93
C ALA A 209 -8.47 -10.62 14.76
N TYR A 210 -7.47 -10.10 15.46
CA TYR A 210 -6.56 -10.97 16.17
C TYR A 210 -6.81 -11.26 17.67
N PRO A 211 -7.35 -12.46 17.98
CA PRO A 211 -7.60 -12.81 19.38
C PRO A 211 -6.22 -13.19 19.90
N LEU A 212 -5.51 -12.23 20.47
CA LEU A 212 -4.16 -12.53 20.91
C LEU A 212 -4.08 -13.55 22.02
N GLY A 213 -4.73 -13.26 23.14
CA GLY A 213 -4.69 -14.13 24.31
C GLY A 213 -4.98 -13.27 25.50
N ASN A 214 -4.16 -13.32 26.54
CA ASN A 214 -4.57 -12.53 27.68
C ASN A 214 -3.67 -11.69 28.57
N PHE A 215 -2.44 -12.01 28.78
CA PHE A 215 -1.87 -11.13 29.82
C PHE A 215 -0.76 -10.45 29.02
N THR A 216 0.41 -11.03 29.10
CA THR A 216 1.55 -10.48 28.38
C THR A 216 1.36 -10.72 26.86
N GLN A 217 0.34 -11.49 26.47
CA GLN A 217 0.14 -11.72 25.05
C GLN A 217 -0.27 -10.50 24.30
N VAL A 218 -0.31 -9.37 24.97
CA VAL A 218 -0.67 -8.18 24.24
C VAL A 218 0.61 -7.82 23.44
N VAL A 219 1.79 -8.26 23.93
CA VAL A 219 3.00 -7.92 23.24
C VAL A 219 2.93 -8.44 21.81
N HIS A 220 2.04 -9.38 21.54
CA HIS A 220 1.93 -9.87 20.21
C HIS A 220 1.36 -8.87 19.22
N ALA A 221 0.93 -7.72 19.69
CA ALA A 221 0.49 -6.73 18.72
C ALA A 221 1.77 -5.89 18.42
N ALA A 222 2.59 -5.65 19.44
CA ALA A 222 3.81 -4.87 19.30
C ALA A 222 4.77 -5.54 18.33
N ASN A 223 5.09 -6.82 18.55
CA ASN A 223 6.03 -7.48 17.64
C ASN A 223 5.54 -7.70 16.21
N TYR A 224 4.24 -7.47 16.01
CA TYR A 224 3.62 -7.60 14.72
C TYR A 224 3.97 -6.27 14.04
N ALA A 225 3.76 -5.19 14.79
CA ALA A 225 3.97 -3.83 14.34
C ALA A 225 5.39 -3.58 14.00
N LEU A 226 6.26 -3.91 14.95
CA LEU A 226 7.67 -3.71 14.80
C LEU A 226 8.27 -4.51 13.68
N ARG A 227 7.67 -5.64 13.37
CA ARG A 227 8.20 -6.40 12.28
C ARG A 227 7.93 -5.66 10.97
N ALA A 228 6.93 -4.79 10.94
CA ALA A 228 6.63 -4.04 9.71
C ALA A 228 7.79 -3.07 9.39
N GLY A 229 8.42 -2.54 10.42
CA GLY A 229 9.54 -1.64 10.22
C GLY A 229 10.81 -2.41 9.80
N LEU A 230 10.96 -3.62 10.33
CA LEU A 230 12.10 -4.45 10.02
C LEU A 230 11.95 -5.06 8.65
N MET A 231 10.71 -5.38 8.25
CA MET A 231 10.49 -5.98 6.96
C MET A 231 10.32 -4.95 5.85
N PHE A 232 9.31 -4.11 5.98
CA PHE A 232 9.03 -3.13 4.95
C PHE A 232 9.85 -1.87 5.00
N GLY A 233 10.06 -1.35 6.20
CA GLY A 233 10.83 -0.14 6.33
C GLY A 233 12.32 -0.32 6.15
N GLY A 234 12.81 -1.54 6.08
CA GLY A 234 14.25 -1.75 5.96
C GLY A 234 15.06 -1.15 7.09
N ILE A 235 14.49 -0.88 8.28
CA ILE A 235 15.30 -0.23 9.34
C ILE A 235 16.16 -1.26 10.07
N ALA A 236 17.45 -0.95 10.16
CA ALA A 236 18.45 -1.85 10.73
C ALA A 236 18.06 -2.26 12.19
N PRO A 237 18.36 -3.51 12.58
CA PRO A 237 18.08 -3.96 13.92
C PRO A 237 18.82 -3.01 14.86
N GLY A 238 18.12 -2.46 15.84
CA GLY A 238 18.74 -1.59 16.83
C GLY A 238 18.64 -0.07 16.66
N LEU A 239 18.07 0.42 15.55
CA LEU A 239 17.95 1.90 15.34
C LEU A 239 16.66 2.29 16.02
N ARG A 240 16.81 2.54 17.31
CA ARG A 240 15.68 2.79 18.22
C ARG A 240 14.74 3.86 17.81
N ASP A 241 15.25 5.10 17.72
CA ASP A 241 14.33 6.18 17.28
C ASP A 241 13.93 6.01 15.83
N ALA A 242 14.72 5.35 14.99
CA ALA A 242 14.21 5.24 13.60
C ALA A 242 12.99 4.32 13.61
N HIS A 243 13.07 3.28 14.42
CA HIS A 243 11.92 2.39 14.51
C HIS A 243 10.70 3.09 15.12
N ARG A 244 10.91 3.90 16.13
CA ARG A 244 9.75 4.61 16.72
C ARG A 244 9.10 5.55 15.71
N ASP A 245 9.98 6.24 14.99
CA ASP A 245 9.53 7.19 14.00
C ASP A 245 8.73 6.46 12.94
N TYR A 246 9.20 5.28 12.56
CA TYR A 246 8.45 4.50 11.57
C TYR A 246 7.09 4.04 12.06
N GLN A 247 7.06 3.57 13.29
CA GLN A 247 5.79 3.07 13.84
C GLN A 247 4.76 4.22 13.77
N ARG A 248 5.19 5.39 14.23
CA ARG A 248 4.35 6.56 14.24
C ARG A 248 3.80 7.00 12.89
N ARG A 249 4.63 7.04 11.84
CA ARG A 249 4.15 7.51 10.53
C ARG A 249 3.42 6.47 9.72
N ARG A 250 3.77 5.23 9.94
CA ARG A 250 3.13 4.23 9.13
C ARG A 250 2.16 3.33 9.80
N VAL A 251 2.31 3.10 11.10
CA VAL A 251 1.36 2.15 11.67
C VAL A 251 0.34 2.96 12.47
N LEU A 252 -0.89 3.03 11.94
CA LEU A 252 -1.93 3.85 12.55
C LEU A 252 -2.60 3.05 13.63
N ALA A 253 -1.88 2.90 14.73
CA ALA A 253 -2.35 2.07 15.83
C ALA A 253 -2.67 2.90 17.01
N PHE A 254 -3.71 2.49 17.74
CA PHE A 254 -4.11 3.14 18.99
C PHE A 254 -4.65 2.00 19.85
N VAL A 255 -4.67 2.22 21.16
CA VAL A 255 -5.19 1.16 22.00
C VAL A 255 -6.45 1.58 22.75
N LEU A 256 -7.36 0.61 22.89
CA LEU A 256 -8.62 0.80 23.60
C LEU A 256 -8.41 -0.08 24.82
N TYR A 257 -8.20 0.59 25.94
CA TYR A 257 -7.97 0.04 27.25
C TYR A 257 -9.36 -0.02 27.93
N LEU A 258 -10.12 -1.08 27.63
CA LEU A 258 -11.46 -1.23 28.19
C LEU A 258 -11.50 -2.05 29.49
N GLY A 259 -12.17 -1.49 30.49
CA GLY A 259 -12.28 -2.16 31.77
C GLY A 259 -11.52 -1.40 32.84
N GLU A 260 -11.40 -1.99 34.04
CA GLU A 260 -10.68 -1.28 35.08
C GLU A 260 -9.22 -1.51 34.97
N HIS A 261 -8.51 -0.41 35.15
CA HIS A 261 -7.08 -0.35 35.08
C HIS A 261 -6.28 -1.18 36.04
N ASP A 262 -5.48 -2.13 35.54
CA ASP A 262 -4.57 -2.81 36.47
C ASP A 262 -3.17 -2.30 36.08
N MET A 263 -2.27 -2.31 37.03
CA MET A 263 -0.99 -1.74 36.78
C MET A 263 -0.25 -2.27 35.53
N VAL A 264 -0.15 -3.58 35.33
CA VAL A 264 0.61 -3.99 34.17
C VAL A 264 -0.06 -3.65 32.85
N LYS A 265 -1.39 -3.62 32.81
CA LYS A 265 -2.06 -3.29 31.54
C LYS A 265 -1.73 -1.85 31.24
N THR A 266 -1.69 -1.08 32.29
CA THR A 266 -1.42 0.32 32.17
C THR A 266 0.02 0.55 31.73
N ALA A 267 0.96 -0.16 32.35
CA ALA A 267 2.36 -0.02 31.97
C ALA A 267 2.54 -0.44 30.49
N ALA A 268 1.82 -1.47 30.05
CA ALA A 268 1.92 -1.89 28.68
C ALA A 268 1.28 -0.87 27.75
N ALA A 269 0.20 -0.26 28.18
CA ALA A 269 -0.45 0.74 27.34
C ALA A 269 0.53 1.87 27.17
N MET A 270 1.34 2.09 28.18
CA MET A 270 2.28 3.16 28.14
C MET A 270 3.42 2.84 27.16
N GLY A 271 3.65 1.53 26.98
CA GLY A 271 4.71 1.08 26.10
C GLY A 271 4.24 1.41 24.69
N ALA A 272 2.93 1.46 24.48
CA ALA A 272 2.46 1.77 23.16
C ALA A 272 2.58 3.26 22.95
N ILE A 273 2.63 4.00 24.05
CA ILE A 273 2.77 5.45 23.99
C ILE A 273 4.22 5.82 23.63
N PHE A 274 5.18 5.12 24.24
CA PHE A 274 6.62 5.33 24.01
C PHE A 274 7.02 5.22 22.53
N THR A 275 6.26 4.47 21.75
CA THR A 275 6.50 4.30 20.34
C THR A 275 5.43 5.03 19.51
N GLY A 276 4.79 6.03 20.13
CA GLY A 276 3.78 6.86 19.48
C GLY A 276 2.36 6.37 19.25
N PHE A 277 1.89 5.39 20.04
CA PHE A 277 0.52 4.94 19.90
C PHE A 277 -0.27 5.47 21.08
N PRO A 278 -1.36 6.21 20.80
CA PRO A 278 -2.16 6.78 21.87
C PRO A 278 -3.06 5.73 22.53
N VAL A 279 -3.40 6.00 23.79
CA VAL A 279 -4.26 5.15 24.60
C VAL A 279 -5.61 5.82 24.85
N ILE A 280 -6.68 5.09 24.62
CA ILE A 280 -8.02 5.62 24.84
C ILE A 280 -8.83 4.67 25.73
N THR A 281 -9.01 5.03 27.00
CA THR A 281 -9.74 4.17 27.94
C THR A 281 -11.20 4.45 28.33
N ASP A 282 -11.85 3.35 28.70
CA ASP A 282 -13.23 3.31 29.16
C ASP A 282 -13.42 4.16 30.40
N GLN A 283 -12.68 3.78 31.44
CA GLN A 283 -12.72 4.45 32.72
C GLN A 283 -12.65 5.97 32.68
N PRO A 284 -13.34 6.63 33.61
CA PRO A 284 -13.30 8.08 33.63
C PRO A 284 -12.02 8.33 34.41
N LEU A 285 -11.13 9.15 33.87
CA LEU A 285 -9.87 9.40 34.53
C LEU A 285 -9.74 10.70 35.26
N PRO A 286 -9.10 10.68 36.43
CA PRO A 286 -8.93 11.94 37.15
C PRO A 286 -7.87 12.72 36.36
N GLU A 287 -7.60 13.95 36.74
CA GLU A 287 -6.63 14.77 36.03
C GLU A 287 -5.19 14.33 36.27
N ASP A 288 -4.95 13.55 37.31
CA ASP A 288 -3.58 13.13 37.59
C ASP A 288 -3.20 11.72 37.13
N LYS A 289 -4.08 11.07 36.39
CA LYS A 289 -3.81 9.76 35.84
C LYS A 289 -4.20 10.02 34.38
N GLN A 290 -3.62 11.08 33.82
CA GLN A 290 -3.98 11.39 32.45
C GLN A 290 -3.00 12.25 31.63
N ILE A 291 -3.08 12.05 30.31
CA ILE A 291 -2.21 12.75 29.34
C ILE A 291 -3.00 13.31 28.14
N LYS A 292 -2.97 14.62 27.93
CA LYS A 292 -3.70 15.19 26.80
C LYS A 292 -3.14 14.63 25.50
N ASP A 293 -3.94 13.86 24.78
CA ASP A 293 -3.53 13.26 23.50
C ASP A 293 -2.68 11.96 23.55
N TRP A 294 -2.51 11.37 24.73
CA TRP A 294 -1.72 10.14 24.82
C TRP A 294 -2.33 9.06 25.71
N PHE A 295 -3.06 9.51 26.72
CA PHE A 295 -3.73 8.64 27.67
C PHE A 295 -4.97 9.41 28.08
N ILE A 296 -6.10 9.10 27.44
CA ILE A 296 -7.32 9.82 27.69
C ILE A 296 -8.61 8.98 27.74
N SER A 297 -9.57 9.45 28.54
CA SER A 297 -10.87 8.78 28.73
C SER A 297 -12.04 9.36 27.94
N GLU A 298 -12.91 8.48 27.46
CA GLU A 298 -14.08 8.87 26.71
C GLU A 298 -15.01 7.72 27.04
N PRO A 299 -15.76 7.85 28.15
CA PRO A 299 -16.71 6.85 28.63
C PRO A 299 -17.92 6.46 27.77
N ASP A 300 -18.39 7.35 26.90
CA ASP A 300 -19.56 7.00 26.08
C ASP A 300 -19.24 6.00 24.98
N TYR A 301 -19.71 4.77 25.16
CA TYR A 301 -19.48 3.73 24.17
C TYR A 301 -19.96 4.08 22.76
N ASP A 302 -20.32 5.35 22.53
CA ASP A 302 -20.78 5.82 21.21
C ASP A 302 -19.74 6.77 20.65
N LYS A 303 -18.82 7.16 21.53
CA LYS A 303 -17.73 8.08 21.22
C LYS A 303 -16.43 7.32 20.93
N ILE A 304 -15.83 6.81 22.00
CA ILE A 304 -14.58 6.05 21.94
C ILE A 304 -14.10 5.84 20.52
N VAL A 305 -14.70 4.88 19.82
CA VAL A 305 -14.33 4.57 18.46
C VAL A 305 -14.03 5.81 17.63
N GLN A 306 -15.06 6.59 17.30
CA GLN A 306 -14.84 7.80 16.51
C GLN A 306 -13.77 8.66 17.19
N THR A 307 -13.74 8.65 18.51
CA THR A 307 -12.77 9.47 19.23
C THR A 307 -11.31 8.97 19.13
N ALA A 308 -11.15 7.68 18.85
CA ALA A 308 -9.82 7.10 18.74
C ALA A 308 -9.31 7.54 17.40
N LEU A 309 -10.02 7.08 16.38
CA LEU A 309 -9.73 7.40 14.99
C LEU A 309 -9.28 8.83 14.90
N GLU A 310 -10.00 9.66 15.61
CA GLU A 310 -9.70 11.06 15.59
C GLU A 310 -8.41 11.39 16.27
N VAL A 311 -8.19 10.90 17.48
CA VAL A 311 -6.94 11.26 18.15
C VAL A 311 -5.72 10.66 17.44
N ARG A 312 -5.92 9.52 16.79
CA ARG A 312 -4.81 8.89 16.10
C ARG A 312 -4.52 9.81 14.94
N GLY A 313 -5.52 9.98 14.08
CA GLY A 313 -5.41 10.85 12.92
C GLY A 313 -6.01 10.06 11.78
N ILE A 314 -6.68 8.96 12.12
CA ILE A 314 -7.29 8.09 11.13
C ILE A 314 -8.54 8.73 10.52
N LYS A 315 -8.51 8.99 9.22
CA LYS A 315 -9.64 9.64 8.54
C LYS A 315 -10.34 8.77 7.52
N ILE A 316 -11.55 8.31 7.83
CA ILE A 316 -12.34 7.50 6.88
C ILE A 316 -13.85 7.52 7.12
N THR A 317 -14.59 7.61 6.03
CA THR A 317 -16.06 7.59 6.11
C THR A 317 -16.52 6.43 5.24
N SER A 318 -17.54 5.71 5.69
CA SER A 318 -18.01 4.58 4.92
C SER A 318 -19.24 4.82 4.07
N ILE A 319 -19.44 3.88 3.15
CA ILE A 319 -20.54 3.91 2.22
C ILE A 319 -21.39 2.67 2.53
N ASP A 320 -22.66 2.65 2.09
CA ASP A 320 -23.53 1.50 2.38
C ASP A 320 -24.41 0.97 1.25
N ILE A 321 -23.79 0.26 0.31
CA ILE A 321 -24.52 -0.34 -0.81
C ILE A 321 -24.95 -1.76 -0.47
N ASP A 322 -26.21 -1.93 -0.07
CA ASP A 322 -26.66 -3.28 0.25
C ASP A 322 -26.90 -4.00 -1.06
N LEU A 323 -26.18 -5.11 -1.25
CA LEU A 323 -26.28 -5.86 -2.47
C LEU A 323 -26.52 -7.33 -2.22
N PRO A 324 -26.90 -8.07 -3.27
CA PRO A 324 -27.19 -9.49 -3.22
C PRO A 324 -25.92 -10.30 -3.40
N ILE A 325 -24.78 -9.62 -3.47
CA ILE A 325 -23.51 -10.32 -3.66
C ILE A 325 -22.38 -9.78 -2.79
N ASN A 326 -21.33 -10.60 -2.61
CA ASN A 326 -20.17 -10.21 -1.81
C ASN A 326 -19.47 -9.01 -2.44
N PHE A 327 -18.85 -8.19 -1.60
CA PHE A 327 -18.19 -6.98 -2.07
C PHE A 327 -16.93 -6.55 -1.30
N GLY A 328 -15.88 -6.22 -2.05
CA GLY A 328 -14.62 -5.81 -1.45
C GLY A 328 -13.54 -6.01 -2.49
N PRO A 329 -12.32 -5.53 -2.25
CA PRO A 329 -11.27 -5.73 -3.25
C PRO A 329 -10.81 -7.17 -3.39
N ALA A 330 -11.06 -7.96 -2.34
CA ALA A 330 -10.67 -9.37 -2.33
C ALA A 330 -11.42 -10.22 -3.36
N PHE A 331 -12.37 -9.62 -4.06
CA PHE A 331 -13.16 -10.32 -5.08
C PHE A 331 -12.70 -9.90 -6.46
N GLU A 332 -11.55 -9.23 -6.47
CA GLU A 332 -10.93 -8.74 -7.69
C GLU A 332 -10.14 -9.89 -8.29
N GLY A 333 -9.61 -9.67 -9.49
CA GLY A 333 -8.83 -10.70 -10.15
C GLY A 333 -9.58 -12.01 -10.33
N GLU A 334 -10.86 -11.98 -10.04
CA GLU A 334 -11.68 -13.17 -10.21
C GLU A 334 -11.92 -13.20 -11.71
N SER A 335 -11.76 -14.39 -12.33
CA SER A 335 -11.98 -14.50 -13.78
C SER A 335 -13.37 -15.06 -14.03
N ILE A 336 -13.87 -14.90 -15.25
CA ILE A 336 -15.18 -15.42 -15.60
C ILE A 336 -15.17 -16.07 -16.98
N ARG A 337 -14.82 -17.35 -17.01
CA ARG A 337 -14.74 -18.14 -18.25
C ARG A 337 -16.07 -18.11 -18.99
N LYS A 338 -16.07 -18.67 -20.21
CA LYS A 338 -17.28 -18.74 -21.02
C LYS A 338 -18.09 -19.96 -20.53
N GLY A 339 -17.59 -20.61 -19.48
CA GLY A 339 -18.25 -21.78 -18.92
C GLY A 339 -18.91 -21.47 -17.60
N ASP A 340 -18.93 -20.20 -17.23
CA ASP A 340 -19.54 -19.75 -15.99
C ASP A 340 -20.19 -18.40 -16.25
N MET A 341 -19.60 -17.67 -17.20
CA MET A 341 -20.10 -16.36 -17.58
C MET A 341 -21.59 -16.40 -17.79
N HIS A 342 -22.34 -15.59 -17.07
CA HIS A 342 -23.77 -15.57 -17.27
C HIS A 342 -23.93 -14.69 -18.51
N VAL A 343 -23.46 -13.45 -18.42
CA VAL A 343 -23.57 -12.56 -19.55
C VAL A 343 -22.18 -11.99 -19.77
N GLU A 344 -22.00 -11.36 -20.93
CA GLU A 344 -20.73 -10.78 -21.34
C GLU A 344 -20.99 -9.40 -21.94
N PHE A 345 -20.22 -8.41 -21.53
CA PHE A 345 -20.41 -7.07 -22.02
C PHE A 345 -19.14 -6.56 -22.66
N GLY A 346 -19.31 -5.83 -23.76
CA GLY A 346 -18.15 -5.30 -24.45
C GLY A 346 -17.35 -6.35 -25.20
N GLY A 347 -16.03 -6.24 -25.12
CA GLY A 347 -15.17 -7.16 -25.83
C GLY A 347 -15.27 -6.85 -27.30
N GLY A 348 -14.77 -7.74 -28.15
CA GLY A 348 -14.86 -7.53 -29.58
C GLY A 348 -16.17 -8.18 -30.00
N LYS A 349 -17.05 -8.34 -29.01
CA LYS A 349 -18.36 -8.98 -29.18
C LYS A 349 -19.61 -8.08 -29.18
N THR A 350 -19.69 -7.12 -28.28
CA THR A 350 -20.84 -6.22 -28.20
C THR A 350 -20.41 -4.76 -27.99
N PRO A 351 -21.36 -3.81 -28.14
CA PRO A 351 -21.12 -2.36 -27.98
C PRO A 351 -20.95 -1.82 -26.55
N SER A 352 -19.70 -1.50 -26.18
CA SER A 352 -19.35 -0.99 -24.85
C SER A 352 -18.80 0.43 -24.84
N PHE A 353 -18.62 0.96 -23.62
CA PHE A 353 -18.09 2.30 -23.37
C PHE A 353 -18.45 2.69 -21.95
N GLU A 354 -17.61 3.51 -21.33
CA GLU A 354 -17.87 4.01 -19.99
C GLU A 354 -17.39 5.46 -19.90
N LEU A 355 -17.94 6.22 -18.97
CA LEU A 355 -17.57 7.62 -18.83
C LEU A 355 -17.98 8.25 -17.50
N VAL A 356 -17.14 9.15 -17.02
CA VAL A 356 -17.38 9.87 -15.77
C VAL A 356 -17.39 11.37 -16.13
N ARG A 357 -18.57 11.99 -16.05
CA ARG A 357 -18.73 13.41 -16.41
C ARG A 357 -18.84 14.35 -15.21
N MET A 358 -18.69 15.64 -15.49
CA MET A 358 -18.81 16.66 -14.44
C MET A 358 -19.97 17.59 -14.78
N VAL A 359 -20.95 17.62 -13.88
CA VAL A 359 -22.16 18.44 -14.05
C VAL A 359 -22.40 19.45 -12.93
N GLY A 360 -23.34 20.36 -13.18
CA GLY A 360 -23.70 21.35 -12.17
C GLY A 360 -24.52 20.64 -11.11
N PRO A 361 -24.96 21.34 -10.05
CA PRO A 361 -25.75 20.69 -8.98
C PRO A 361 -27.20 20.41 -9.41
N ASP A 362 -27.83 21.49 -9.84
CA ASP A 362 -29.20 21.54 -10.31
C ASP A 362 -29.65 20.31 -11.09
N GLU A 363 -28.76 19.77 -11.92
CA GLU A 363 -29.08 18.65 -12.78
C GLU A 363 -28.79 17.22 -12.32
N ILE A 364 -28.62 17.00 -11.02
CA ILE A 364 -28.35 15.65 -10.57
C ILE A 364 -29.09 15.21 -9.31
N GLU A 365 -29.64 14.00 -9.40
CA GLU A 365 -30.41 13.37 -8.32
C GLU A 365 -29.45 12.42 -7.60
N ASP A 366 -28.85 12.88 -6.50
CA ASP A 366 -27.93 12.03 -5.77
C ASP A 366 -28.55 10.68 -5.40
N GLY A 367 -27.93 9.59 -5.87
CA GLY A 367 -28.43 8.25 -5.57
C GLY A 367 -29.33 7.67 -6.64
N LYS A 368 -29.69 8.50 -7.62
CA LYS A 368 -30.56 8.07 -8.71
C LYS A 368 -29.82 7.24 -9.76
N VAL A 369 -30.15 5.96 -9.85
CA VAL A 369 -29.52 5.06 -10.82
C VAL A 369 -30.59 4.62 -11.84
N GLU A 370 -30.18 4.27 -13.06
CA GLU A 370 -31.13 3.84 -14.11
C GLU A 370 -30.52 2.91 -15.16
N VAL A 371 -31.22 1.82 -15.44
CA VAL A 371 -30.80 0.85 -16.46
C VAL A 371 -31.79 0.97 -17.63
N ILE A 372 -31.39 1.70 -18.67
CA ILE A 372 -32.27 1.91 -19.83
C ILE A 372 -32.19 0.75 -20.84
N GLY A 373 -33.08 -0.23 -20.66
CA GLY A 373 -33.12 -1.40 -21.52
C GLY A 373 -33.24 -2.68 -20.71
N PRO A 374 -33.10 -3.86 -21.34
CA PRO A 374 -33.19 -5.15 -20.65
C PRO A 374 -32.05 -5.43 -19.65
N ASP A 375 -32.42 -5.41 -18.38
CA ASP A 375 -31.48 -5.66 -17.29
C ASP A 375 -30.82 -7.03 -17.42
N ILE A 376 -30.32 -7.57 -16.31
CA ILE A 376 -29.64 -8.86 -16.31
C ILE A 376 -30.59 -10.07 -16.44
N ASP A 377 -31.83 -9.90 -15.99
CA ASP A 377 -32.81 -10.98 -16.07
C ASP A 377 -33.42 -11.08 -17.47
N SER A 378 -33.44 -9.96 -18.19
CA SER A 378 -33.98 -9.90 -19.56
C SER A 378 -32.93 -10.40 -20.56
N VAL A 379 -32.31 -11.55 -20.28
CA VAL A 379 -31.29 -12.10 -21.19
C VAL A 379 -30.98 -13.60 -21.10
N GLU A 380 -30.65 -14.18 -22.24
CA GLU A 380 -30.31 -15.59 -22.35
C GLU A 380 -28.94 -15.89 -21.76
N PRO A 381 -28.86 -16.89 -20.86
CA PRO A 381 -27.60 -17.28 -20.21
C PRO A 381 -26.48 -17.50 -21.23
N GLY A 382 -25.34 -16.86 -20.98
CA GLY A 382 -24.24 -16.95 -21.90
C GLY A 382 -24.59 -15.99 -23.01
N GLY A 383 -25.34 -14.95 -22.64
CA GLY A 383 -25.76 -13.96 -23.61
C GLY A 383 -24.90 -12.72 -23.58
N ARG A 384 -24.78 -12.07 -24.73
CA ARG A 384 -24.00 -10.85 -24.85
C ARG A 384 -25.02 -9.71 -24.71
N LEU A 385 -24.56 -8.46 -24.70
CA LEU A 385 -25.48 -7.33 -24.53
C LEU A 385 -24.73 -6.03 -24.41
N PRO A 386 -25.20 -4.97 -25.09
CA PRO A 386 -24.49 -3.70 -24.99
C PRO A 386 -24.61 -3.08 -23.60
N ILE A 387 -23.67 -2.19 -23.28
CA ILE A 387 -23.70 -1.46 -22.01
C ILE A 387 -23.02 -0.11 -22.17
N GLY A 388 -23.43 0.83 -21.33
CA GLY A 388 -22.88 2.17 -21.36
C GLY A 388 -23.05 2.75 -19.97
N ILE A 389 -21.97 2.72 -19.17
CA ILE A 389 -22.02 3.23 -17.79
C ILE A 389 -21.58 4.70 -17.65
N VAL A 390 -22.54 5.60 -17.49
CA VAL A 390 -22.23 7.03 -17.32
C VAL A 390 -22.38 7.52 -15.88
N VAL A 391 -21.26 7.88 -15.26
CA VAL A 391 -21.30 8.39 -13.91
C VAL A 391 -21.19 9.92 -14.02
N ASP A 392 -22.28 10.60 -13.68
CA ASP A 392 -22.32 12.06 -13.75
C ASP A 392 -22.01 12.58 -12.34
N ILE A 393 -21.09 13.53 -12.23
CA ILE A 393 -20.67 14.06 -10.92
C ILE A 393 -20.79 15.56 -10.75
N TYR A 394 -21.00 15.97 -9.50
CA TYR A 394 -21.07 17.38 -9.13
C TYR A 394 -20.42 17.53 -7.76
N GLY A 395 -19.68 18.64 -7.60
CA GLY A 395 -19.04 18.90 -6.34
C GLY A 395 -18.55 20.34 -6.28
N ARG A 396 -18.53 20.86 -5.07
CA ARG A 396 -18.06 22.22 -4.85
C ARG A 396 -16.67 22.27 -5.48
N LYS A 397 -15.70 21.67 -4.79
CA LYS A 397 -14.32 21.63 -5.24
C LYS A 397 -13.98 20.68 -6.39
N MET A 398 -14.97 20.17 -7.11
CA MET A 398 -14.73 19.27 -8.25
C MET A 398 -14.04 20.00 -9.41
N GLN A 399 -13.48 19.25 -10.37
CA GLN A 399 -12.79 19.80 -11.56
C GLN A 399 -12.91 18.88 -12.78
N GLU A 400 -12.91 19.46 -13.98
CA GLU A 400 -13.00 18.65 -15.20
C GLU A 400 -11.75 17.79 -15.16
N ASP A 401 -10.67 18.42 -14.69
CA ASP A 401 -9.35 17.82 -14.54
C ASP A 401 -9.35 16.46 -13.88
N PHE A 402 -10.18 16.32 -12.86
CA PHE A 402 -10.28 15.06 -12.11
C PHE A 402 -11.06 13.95 -12.78
N GLU A 403 -11.81 14.29 -13.83
CA GLU A 403 -12.63 13.27 -14.51
C GLU A 403 -11.83 11.99 -14.77
N PRO A 404 -10.68 12.09 -15.47
CA PRO A 404 -9.89 10.88 -15.75
C PRO A 404 -9.43 10.11 -14.52
N VAL A 405 -8.99 10.82 -13.49
CA VAL A 405 -8.54 10.16 -12.28
C VAL A 405 -9.69 9.40 -11.65
N LEU A 406 -10.90 9.75 -12.04
CA LEU A 406 -12.09 9.12 -11.50
C LEU A 406 -12.48 7.86 -12.27
N GLU A 407 -12.87 8.10 -13.51
CA GLU A 407 -13.29 7.06 -14.44
C GLU A 407 -12.41 5.85 -14.35
N ARG A 408 -11.15 6.09 -14.06
CA ARG A 408 -10.15 5.03 -13.94
C ARG A 408 -10.58 4.03 -12.87
N ARG A 409 -11.29 4.53 -11.87
CA ARG A 409 -11.76 3.70 -10.78
C ARG A 409 -12.83 2.64 -11.13
N ILE A 410 -13.47 2.77 -12.30
CA ILE A 410 -14.51 1.83 -12.73
C ILE A 410 -14.03 0.36 -12.72
N HIS A 411 -12.94 0.05 -13.45
CA HIS A 411 -12.38 -1.32 -13.50
C HIS A 411 -12.17 -1.93 -12.10
N TYR A 412 -11.63 -1.09 -11.20
CA TYR A 412 -11.31 -1.45 -9.81
C TYR A 412 -12.53 -1.48 -8.94
N PHE A 413 -13.45 -0.55 -9.17
CA PHE A 413 -14.70 -0.52 -8.41
C PHE A 413 -15.49 -1.78 -8.82
N THR A 414 -15.72 -1.90 -10.13
CA THR A 414 -16.47 -3.01 -10.70
C THR A 414 -15.93 -4.39 -10.35
N ASN A 415 -14.62 -4.48 -10.17
CA ASN A 415 -14.01 -5.76 -9.84
C ASN A 415 -14.16 -6.14 -8.37
N TYR A 416 -14.64 -5.20 -7.53
CA TYR A 416 -14.80 -5.50 -6.10
C TYR A 416 -15.87 -6.55 -5.77
N GLY A 417 -17.06 -6.38 -6.32
CA GLY A 417 -18.11 -7.35 -6.05
C GLY A 417 -17.77 -8.73 -6.58
N GLU A 418 -18.16 -9.76 -5.84
CA GLU A 418 -17.89 -11.13 -6.26
C GLU A 418 -18.89 -11.58 -7.34
N GLY A 419 -18.37 -12.17 -8.40
CA GLY A 419 -19.20 -12.60 -9.49
C GLY A 419 -19.09 -11.59 -10.62
N PHE A 420 -18.21 -10.61 -10.44
CA PHE A 420 -18.00 -9.58 -11.45
C PHE A 420 -16.53 -9.51 -11.89
N TRP A 421 -16.34 -8.93 -13.06
CA TRP A 421 -15.03 -8.81 -13.66
C TRP A 421 -15.13 -7.69 -14.68
N HIS A 422 -14.09 -6.86 -14.76
CA HIS A 422 -14.09 -5.77 -15.73
C HIS A 422 -12.73 -5.76 -16.40
N THR A 423 -12.67 -5.32 -17.64
CA THR A 423 -11.39 -5.23 -18.34
C THR A 423 -11.40 -4.08 -19.30
N ALA A 424 -10.20 -3.68 -19.74
CA ALA A 424 -10.05 -2.57 -20.66
C ALA A 424 -10.45 -1.20 -20.06
N GLN A 425 -10.71 -0.24 -20.95
CA GLN A 425 -11.01 1.09 -20.48
C GLN A 425 -12.27 1.78 -20.96
N ARG A 426 -12.18 2.52 -22.04
CA ARG A 426 -13.34 3.25 -22.56
C ARG A 426 -14.21 2.42 -23.48
N ASP A 427 -14.43 2.84 -24.72
CA ASP A 427 -15.25 2.02 -25.60
C ASP A 427 -14.50 0.73 -25.91
N LEU A 428 -13.61 0.34 -25.00
CA LEU A 428 -12.82 -0.88 -25.16
C LEU A 428 -13.05 -1.86 -24.00
N THR A 429 -13.95 -1.53 -23.07
CA THR A 429 -14.23 -2.38 -21.89
C THR A 429 -14.82 -3.76 -22.16
N TRP A 430 -14.24 -4.75 -21.49
CA TRP A 430 -14.72 -6.12 -21.59
C TRP A 430 -15.14 -6.49 -20.17
N VAL A 431 -16.45 -6.68 -20.00
CA VAL A 431 -17.01 -7.00 -18.71
C VAL A 431 -17.62 -8.41 -18.76
N ARG A 432 -17.83 -9.01 -17.60
CA ARG A 432 -18.41 -10.34 -17.50
C ARG A 432 -18.98 -10.55 -16.12
N ILE A 433 -20.11 -11.26 -16.06
CA ILE A 433 -20.74 -11.54 -14.78
C ILE A 433 -21.01 -13.04 -14.74
N SER A 434 -20.68 -13.66 -13.60
CA SER A 434 -20.81 -15.10 -13.39
C SER A 434 -22.21 -15.54 -13.00
N LYS A 435 -22.54 -16.79 -13.32
CA LYS A 435 -23.83 -17.35 -13.00
C LYS A 435 -24.07 -17.22 -11.50
N GLU A 436 -23.02 -17.47 -10.72
CA GLU A 436 -23.11 -17.36 -9.27
C GLU A 436 -23.64 -15.97 -8.89
N ALA A 437 -23.18 -14.97 -9.65
CA ALA A 437 -23.60 -13.57 -9.42
C ALA A 437 -25.12 -13.47 -9.60
N PHE A 438 -25.54 -13.50 -10.87
CA PHE A 438 -26.94 -13.43 -11.25
C PHE A 438 -27.76 -14.32 -10.33
N ALA A 439 -27.11 -15.37 -9.83
CA ALA A 439 -27.74 -16.35 -8.94
C ALA A 439 -28.14 -15.81 -7.57
N LYS A 440 -27.25 -15.05 -6.95
CA LYS A 440 -27.58 -14.53 -5.63
C LYS A 440 -28.47 -13.31 -5.71
N GLY A 441 -28.94 -12.99 -6.91
CA GLY A 441 -29.82 -11.84 -7.09
C GLY A 441 -29.11 -10.62 -7.66
N ALA A 442 -28.20 -10.85 -8.61
CA ALA A 442 -27.43 -9.77 -9.24
C ALA A 442 -28.19 -9.08 -10.37
N ARG A 443 -28.50 -7.79 -10.18
CA ARG A 443 -29.23 -6.98 -11.18
C ARG A 443 -28.53 -5.66 -11.58
N LEU A 444 -28.48 -5.38 -12.89
CA LEU A 444 -27.85 -4.18 -13.49
C LEU A 444 -27.92 -2.87 -12.68
N LYS A 445 -28.96 -2.71 -11.86
CA LYS A 445 -29.08 -1.51 -11.05
C LYS A 445 -28.06 -1.53 -9.92
N HIS A 446 -27.46 -2.71 -9.69
CA HIS A 446 -26.45 -2.88 -8.64
C HIS A 446 -25.05 -2.41 -9.05
N LEU A 447 -24.77 -2.33 -10.34
CA LEU A 447 -23.48 -1.83 -10.77
C LEU A 447 -23.54 -0.35 -10.51
N GLY A 448 -24.76 0.19 -10.51
CA GLY A 448 -24.96 1.60 -10.24
C GLY A 448 -24.83 1.92 -8.75
N GLN A 449 -24.88 0.88 -7.92
CA GLN A 449 -24.77 1.00 -6.46
C GLN A 449 -23.31 0.81 -5.98
N LEU A 450 -22.66 -0.26 -6.43
CA LEU A 450 -21.26 -0.49 -6.08
C LEU A 450 -20.51 0.81 -6.42
N LEU A 451 -20.86 1.36 -7.59
CA LEU A 451 -20.28 2.58 -8.16
C LEU A 451 -20.54 3.90 -7.41
N TYR A 452 -21.77 4.41 -7.43
CA TYR A 452 -22.04 5.67 -6.72
C TYR A 452 -21.41 5.59 -5.33
N ALA A 453 -21.55 4.41 -4.71
CA ALA A 453 -21.01 4.15 -3.38
C ALA A 453 -19.58 4.63 -3.24
N LYS A 454 -18.68 3.90 -3.91
CA LYS A 454 -17.24 4.15 -3.90
C LYS A 454 -16.82 5.57 -4.24
N PHE A 455 -17.20 6.06 -5.43
CA PHE A 455 -16.90 7.43 -5.80
C PHE A 455 -17.14 8.43 -4.66
N LYS A 456 -18.16 8.19 -3.84
CA LYS A 456 -18.48 9.09 -2.73
C LYS A 456 -17.63 8.78 -1.52
N GLN A 457 -17.09 7.58 -1.51
CA GLN A 457 -16.25 7.10 -0.43
C GLN A 457 -14.79 7.52 -0.63
N GLU A 458 -14.31 7.37 -1.86
CA GLU A 458 -12.91 7.69 -2.20
C GLU A 458 -12.63 9.12 -2.64
N PHE A 459 -13.61 10.01 -2.54
CA PHE A 459 -13.42 11.41 -2.96
C PHE A 459 -14.30 12.34 -2.11
N PRO A 460 -14.12 12.31 -0.79
CA PRO A 460 -14.91 13.14 0.13
C PRO A 460 -14.51 14.57 0.36
N SER A 461 -14.31 15.34 -0.69
CA SER A 461 -13.95 16.74 -0.45
C SER A 461 -13.97 17.48 -1.76
N ILE A 462 -14.35 16.77 -2.81
CA ILE A 462 -14.42 17.33 -4.12
C ILE A 462 -15.67 16.80 -4.81
N VAL A 463 -16.19 15.69 -4.29
CA VAL A 463 -17.39 15.10 -4.84
C VAL A 463 -18.52 15.19 -3.81
N ASP A 464 -19.67 15.69 -4.27
CA ASP A 464 -20.84 15.85 -3.41
C ASP A 464 -21.99 14.93 -3.80
N ARG A 465 -22.24 14.82 -5.10
CA ARG A 465 -23.32 13.97 -5.60
C ARG A 465 -22.90 13.09 -6.77
N VAL A 466 -23.48 11.90 -6.85
CA VAL A 466 -23.18 10.95 -7.91
C VAL A 466 -24.42 10.23 -8.44
N GLN A 467 -24.51 10.11 -9.76
CA GLN A 467 -25.64 9.46 -10.41
C GLN A 467 -25.17 8.57 -11.56
N VAL A 468 -25.50 7.29 -11.47
CA VAL A 468 -25.11 6.28 -12.47
C VAL A 468 -26.26 5.84 -13.42
N THR A 469 -25.91 5.41 -14.63
CA THR A 469 -26.91 4.97 -15.61
C THR A 469 -26.37 3.95 -16.65
N ILE A 470 -26.57 2.66 -16.38
CA ILE A 470 -26.13 1.60 -17.29
C ILE A 470 -26.94 1.72 -18.59
N TYR A 471 -26.61 0.90 -19.59
CA TYR A 471 -27.30 0.92 -20.90
C TYR A 471 -27.14 -0.37 -21.71
N THR A 472 -28.06 -1.31 -21.57
CA THR A 472 -27.93 -2.54 -22.34
C THR A 472 -28.70 -2.52 -23.67
N ASP A 473 -29.26 -1.36 -24.00
CA ASP A 473 -30.00 -1.20 -25.25
C ASP A 473 -28.98 -0.85 -26.36
N GLU A 474 -29.00 -1.57 -27.48
CA GLU A 474 -28.05 -1.26 -28.56
C GLU A 474 -28.28 0.09 -29.27
N GLN A 475 -29.41 0.73 -28.98
CA GLN A 475 -29.71 2.03 -29.59
C GLN A 475 -29.04 3.16 -28.81
N LYS A 476 -29.21 3.09 -27.49
CA LYS A 476 -28.67 4.07 -26.55
C LYS A 476 -27.14 4.06 -26.41
N VAL A 477 -26.54 2.87 -26.49
CA VAL A 477 -25.07 2.66 -26.39
C VAL A 477 -24.28 3.31 -27.52
N LEU A 478 -24.82 3.24 -28.75
CA LEU A 478 -24.17 3.79 -29.94
C LEU A 478 -24.32 5.32 -30.04
N GLU A 479 -25.32 5.86 -29.34
CA GLU A 479 -25.56 7.31 -29.33
C GLU A 479 -24.75 8.00 -28.25
N LEU A 480 -24.54 7.33 -27.12
CA LEU A 480 -23.76 7.92 -26.05
C LEU A 480 -22.36 7.29 -25.98
N ARG A 481 -21.94 6.78 -27.14
CA ARG A 481 -20.62 6.17 -27.36
C ARG A 481 -19.90 7.15 -28.25
N GLU A 482 -20.67 8.06 -28.81
CA GLU A 482 -20.18 9.08 -29.70
C GLU A 482 -20.06 10.40 -28.92
N ILE A 483 -20.91 10.60 -27.91
CA ILE A 483 -20.83 11.81 -27.12
C ILE A 483 -19.58 11.76 -26.23
N ALA A 484 -19.25 10.54 -25.82
CA ALA A 484 -18.08 10.26 -24.97
C ALA A 484 -16.79 10.27 -25.78
N ARG A 485 -16.83 9.71 -27.00
CA ARG A 485 -15.65 9.71 -27.86
C ARG A 485 -15.29 11.18 -28.06
N LYS A 486 -16.24 12.05 -27.72
CA LYS A 486 -16.05 13.49 -27.79
C LYS A 486 -15.28 13.89 -26.54
N LYS A 487 -15.56 13.19 -25.44
CA LYS A 487 -14.89 13.45 -24.15
C LYS A 487 -13.48 12.84 -24.23
N TYR A 488 -13.41 11.62 -24.76
CA TYR A 488 -12.13 10.90 -24.88
C TYR A 488 -11.10 11.59 -25.80
N ALA A 489 -11.58 12.30 -26.82
CA ALA A 489 -10.71 13.00 -27.76
C ALA A 489 -10.43 14.43 -27.31
N GLU A 490 -11.16 14.84 -26.28
CA GLU A 490 -11.02 16.17 -25.67
C GLU A 490 -10.07 15.92 -24.49
N ARG A 491 -9.98 14.63 -24.16
CA ARG A 491 -9.18 14.10 -23.06
C ARG A 491 -7.82 13.59 -23.53
N ASP A 492 -7.81 12.49 -24.28
CA ASP A 492 -6.56 11.94 -24.80
C ASP A 492 -5.85 13.03 -25.56
N ALA A 493 -6.58 14.12 -25.77
CA ALA A 493 -6.04 15.26 -26.44
C ALA A 493 -5.10 15.93 -25.43
N ARG A 494 -5.65 16.25 -24.26
CA ARG A 494 -4.89 16.90 -23.21
C ARG A 494 -3.53 16.25 -22.95
N LEU A 495 -3.50 14.93 -22.89
CA LEU A 495 -2.23 14.26 -22.67
C LEU A 495 -1.26 14.66 -23.77
N ARG A 496 -1.44 14.07 -24.96
CA ARG A 496 -0.58 14.35 -26.10
C ARG A 496 0.02 15.77 -26.18
N GLU A 497 -0.77 16.79 -25.89
CA GLU A 497 -0.31 18.17 -25.97
C GLU A 497 0.75 18.62 -24.98
N LEU A 498 0.90 17.89 -23.89
CA LEU A 498 1.88 18.23 -22.84
C LEU A 498 3.30 17.74 -23.13
N SER A 499 4.29 18.60 -22.94
CA SER A 499 5.67 18.18 -23.14
C SER A 499 6.44 18.55 -21.89
N ASP A 500 7.66 18.02 -21.77
CA ASP A 500 8.55 18.31 -20.64
C ASP A 500 8.84 19.84 -20.60
N GLU A 501 9.23 20.41 -21.74
CA GLU A 501 9.53 21.85 -21.85
C GLU A 501 8.32 22.75 -21.48
N ALA A 502 7.12 22.37 -21.88
CA ALA A 502 5.90 23.15 -21.64
C ALA A 502 5.46 23.38 -20.21
N VAL A 503 6.06 22.67 -19.29
CA VAL A 503 5.67 22.76 -17.89
C VAL A 503 6.91 23.12 -17.10
N ASP A 504 6.80 23.58 -15.88
CA ASP A 504 8.02 23.94 -15.20
C ASP A 504 7.99 23.32 -13.83
N THR A 505 7.08 22.38 -13.68
CA THR A 505 6.89 21.66 -12.42
C THR A 505 6.68 20.18 -12.72
N TYR A 506 7.42 19.31 -12.06
CA TYR A 506 7.11 17.90 -12.25
C TYR A 506 6.55 17.47 -10.88
N TYR A 507 6.09 16.24 -10.80
CA TYR A 507 5.49 15.70 -9.60
C TYR A 507 6.22 14.47 -9.10
N SER A 508 6.49 14.42 -7.79
CA SER A 508 7.11 13.25 -7.22
C SER A 508 6.01 12.23 -6.93
N CYS A 509 6.41 11.00 -6.60
CA CYS A 509 5.46 9.98 -6.19
C CYS A 509 6.19 9.14 -5.15
N LEU A 510 5.62 9.07 -3.96
CA LEU A 510 6.24 8.35 -2.84
C LEU A 510 5.41 7.12 -2.48
N LEU A 511 4.36 6.88 -3.25
CA LEU A 511 3.50 5.76 -2.97
C LEU A 511 4.20 4.46 -2.71
N CYS A 512 5.25 4.12 -3.46
CA CYS A 512 5.88 2.83 -3.20
C CYS A 512 6.92 2.80 -2.09
N GLN A 513 7.11 3.92 -1.39
CA GLN A 513 8.05 3.90 -0.29
C GLN A 513 7.50 2.95 0.78
N SER A 514 6.26 2.48 0.59
CA SER A 514 5.68 1.50 1.50
C SER A 514 6.52 0.23 1.38
N PHE A 515 6.99 -0.15 0.17
CA PHE A 515 7.84 -1.36 0.10
C PHE A 515 9.23 -1.10 -0.36
N ALA A 516 9.50 0.10 -0.88
CA ALA A 516 10.85 0.53 -1.34
C ALA A 516 11.12 1.96 -0.78
N PRO A 517 11.47 2.06 0.50
CA PRO A 517 11.75 3.28 1.25
C PRO A 517 12.65 4.29 0.59
N THR A 518 13.68 3.84 -0.10
CA THR A 518 14.57 4.83 -0.71
C THR A 518 14.17 5.19 -2.14
N HIS A 519 13.09 4.61 -2.65
CA HIS A 519 12.67 4.89 -4.02
C HIS A 519 11.80 6.14 -4.10
N VAL A 520 12.12 6.98 -5.07
CA VAL A 520 11.37 8.20 -5.31
C VAL A 520 11.16 8.32 -6.82
N CYS A 521 9.92 8.37 -7.26
CA CYS A 521 9.67 8.55 -8.70
C CYS A 521 9.49 10.01 -8.93
N ILE A 522 9.96 10.43 -10.10
CA ILE A 522 9.73 11.78 -10.53
C ILE A 522 8.91 11.58 -11.76
N VAL A 523 7.70 12.15 -11.81
CA VAL A 523 6.89 12.01 -13.00
C VAL A 523 6.81 13.31 -13.77
N SER A 524 7.12 13.22 -15.05
CA SER A 524 7.12 14.37 -15.92
C SER A 524 6.21 14.06 -17.14
N PRO A 525 5.79 15.11 -17.87
CA PRO A 525 4.91 14.92 -19.04
C PRO A 525 5.35 13.81 -19.96
N GLU A 526 6.64 13.74 -20.21
CA GLU A 526 7.04 12.70 -21.14
C GLU A 526 7.64 11.43 -20.55
N ARG A 527 7.43 11.25 -19.24
CA ARG A 527 7.92 10.03 -18.60
C ARG A 527 6.93 9.60 -17.50
N VAL A 528 6.07 8.67 -17.87
CA VAL A 528 5.05 8.15 -16.95
C VAL A 528 5.80 7.39 -15.84
N GLY A 529 5.14 7.26 -14.70
CA GLY A 529 5.68 6.54 -13.56
C GLY A 529 5.92 5.12 -14.01
N LEU A 530 6.97 4.47 -13.49
CA LEU A 530 7.30 3.14 -13.99
C LEU A 530 6.23 2.00 -13.86
N CYS A 531 5.29 2.19 -12.96
CA CYS A 531 4.20 1.24 -12.74
C CYS A 531 3.23 1.38 -13.92
N GLY A 532 3.47 2.39 -14.76
CA GLY A 532 2.66 2.64 -15.94
C GLY A 532 1.28 3.24 -15.64
N ALA A 533 0.96 3.37 -14.36
CA ALA A 533 -0.32 3.90 -13.91
C ALA A 533 -0.41 5.37 -13.50
N ILE A 534 0.72 6.07 -13.40
CA ILE A 534 0.66 7.46 -13.00
C ILE A 534 1.35 8.42 -13.93
N SER A 535 0.54 9.19 -14.63
CA SER A 535 1.05 10.16 -15.57
C SER A 535 1.20 11.49 -14.86
N TRP A 536 1.74 12.45 -15.58
CA TRP A 536 1.97 13.72 -14.99
C TRP A 536 0.61 14.30 -14.58
N LEU A 537 -0.38 14.21 -15.45
CA LEU A 537 -1.73 14.74 -15.10
C LEU A 537 -2.30 13.97 -13.94
N ASP A 538 -2.06 12.67 -13.93
CA ASP A 538 -2.62 11.94 -12.82
C ASP A 538 -2.00 12.43 -11.52
N ALA A 539 -0.69 12.60 -11.52
CA ALA A 539 -0.06 13.02 -10.31
C ALA A 539 -0.48 14.41 -9.93
N LYS A 540 -0.73 15.25 -10.94
CA LYS A 540 -1.11 16.60 -10.68
C LYS A 540 -2.50 16.71 -10.07
N ALA A 541 -3.42 15.84 -10.50
CA ALA A 541 -4.79 15.86 -9.95
C ALA A 541 -4.78 15.41 -8.50
N ALA A 542 -4.01 14.37 -8.23
CA ALA A 542 -3.91 13.80 -6.91
C ALA A 542 -3.34 14.75 -5.88
N TYR A 543 -2.39 15.55 -6.30
CA TYR A 543 -1.79 16.50 -5.39
C TYR A 543 -2.89 17.51 -5.07
N GLU A 544 -3.53 18.00 -6.13
CA GLU A 544 -4.60 18.97 -6.02
C GLU A 544 -5.72 18.42 -5.17
N ILE A 545 -6.10 17.17 -5.40
CA ILE A 545 -7.12 16.58 -4.57
C ILE A 545 -6.57 16.40 -3.17
N ASN A 546 -5.29 16.09 -3.02
CA ASN A 546 -4.69 15.93 -1.70
C ASN A 546 -3.31 16.56 -1.48
N PRO A 547 -3.27 17.88 -1.34
CA PRO A 547 -2.02 18.62 -1.14
C PRO A 547 -1.08 18.05 -0.10
N ASN A 548 -1.50 17.06 0.67
CA ASN A 548 -0.58 16.57 1.68
C ASN A 548 -0.16 15.15 1.37
N GLY A 549 -0.74 14.63 0.28
CA GLY A 549 -0.47 13.26 -0.17
C GLY A 549 0.95 12.95 -0.61
N PRO A 550 1.17 11.75 -1.15
CA PRO A 550 2.48 11.31 -1.62
C PRO A 550 2.84 11.76 -3.04
N ASN A 551 2.16 12.78 -3.54
CA ASN A 551 2.46 13.28 -4.87
C ASN A 551 2.64 14.76 -4.73
N GLN A 552 3.88 15.23 -4.71
CA GLN A 552 4.15 16.66 -4.55
C GLN A 552 4.76 17.32 -5.77
N PRO A 553 4.49 18.61 -5.92
CA PRO A 553 5.03 19.42 -7.03
C PRO A 553 6.50 19.76 -6.78
N ILE A 554 7.30 19.69 -7.84
CA ILE A 554 8.72 20.05 -7.74
C ILE A 554 9.01 20.89 -8.97
N PRO A 555 9.39 22.16 -8.76
CA PRO A 555 9.69 23.04 -9.90
C PRO A 555 11.03 22.65 -10.44
N LYS A 556 11.28 22.97 -11.71
CA LYS A 556 12.59 22.74 -12.30
C LYS A 556 13.40 23.93 -11.87
N GLU A 557 14.28 23.75 -10.91
CA GLU A 557 15.05 24.87 -10.44
C GLU A 557 16.49 24.39 -10.22
N GLY A 558 17.44 25.26 -10.56
CA GLY A 558 18.84 24.90 -10.35
C GLY A 558 19.40 23.96 -11.40
N LEU A 559 19.26 24.35 -12.67
CA LEU A 559 19.74 23.56 -13.79
C LEU A 559 21.18 23.11 -13.64
N ILE A 560 21.45 21.82 -13.87
CA ILE A 560 22.81 21.30 -13.77
C ILE A 560 23.25 20.79 -15.14
N ASP A 561 22.43 19.95 -15.76
CA ASP A 561 22.80 19.36 -17.04
C ASP A 561 21.60 19.40 -17.97
N PRO A 562 21.65 20.19 -19.01
CA PRO A 562 20.51 20.25 -19.91
C PRO A 562 20.31 19.07 -20.83
N VAL A 563 21.31 18.24 -20.97
CA VAL A 563 21.20 17.10 -21.87
C VAL A 563 20.79 15.84 -21.14
N LYS A 564 21.53 15.53 -20.09
CA LYS A 564 21.21 14.37 -19.28
C LYS A 564 19.97 14.70 -18.47
N GLY A 565 19.65 15.99 -18.34
CA GLY A 565 18.43 16.36 -17.60
C GLY A 565 18.51 16.20 -16.06
N GLN A 566 19.38 17.00 -15.46
CA GLN A 566 19.60 17.00 -14.01
C GLN A 566 19.36 18.42 -13.46
N TRP A 567 18.67 18.50 -12.33
CA TRP A 567 18.36 19.79 -11.71
C TRP A 567 18.59 19.65 -10.22
N GLU A 568 19.04 20.70 -9.54
CA GLU A 568 19.26 20.59 -8.09
C GLU A 568 17.98 20.38 -7.34
N SER A 569 16.90 20.97 -7.85
CA SER A 569 15.58 20.84 -7.22
C SER A 569 15.21 19.37 -7.15
N PHE A 570 15.26 18.67 -8.28
CA PHE A 570 14.93 17.21 -8.22
C PHE A 570 15.97 16.50 -7.37
N ASN A 571 17.27 16.87 -7.50
CA ASN A 571 18.29 16.13 -6.70
C ASN A 571 18.07 16.27 -5.20
N GLU A 572 17.74 17.47 -4.75
CA GLU A 572 17.53 17.71 -3.33
C GLU A 572 16.33 17.01 -2.81
N TYR A 573 15.27 17.04 -3.60
CA TYR A 573 14.06 16.36 -3.22
C TYR A 573 14.32 14.87 -3.07
N ILE A 574 15.02 14.30 -4.01
CA ILE A 574 15.27 12.85 -3.95
C ILE A 574 16.18 12.43 -2.82
N TYR A 575 17.23 13.24 -2.61
CA TYR A 575 18.21 12.99 -1.56
C TYR A 575 17.50 12.99 -0.21
N LYS A 576 16.61 13.97 -0.04
CA LYS A 576 15.89 14.12 1.19
C LYS A 576 14.88 13.01 1.36
N ASN A 577 14.27 12.54 0.27
CA ASN A 577 13.28 11.49 0.44
C ASN A 577 13.69 10.06 0.21
N SER A 578 15.00 9.82 0.08
CA SER A 578 15.57 8.47 -0.16
C SER A 578 16.46 8.19 1.01
N GLN A 579 16.19 8.84 2.14
CA GLN A 579 17.00 8.67 3.35
C GLN A 579 18.43 9.01 2.98
N ARG A 580 18.56 10.07 2.20
CA ARG A 580 19.86 10.54 1.73
C ARG A 580 20.73 9.48 1.06
N THR A 581 20.15 8.49 0.39
CA THR A 581 21.04 7.50 -0.26
C THR A 581 21.29 7.93 -1.73
N ILE A 582 20.43 8.73 -2.31
CA ILE A 582 20.56 9.15 -3.71
C ILE A 582 20.78 10.65 -3.79
N GLU A 583 21.86 11.05 -4.42
CA GLU A 583 22.17 12.42 -4.52
C GLU A 583 21.89 13.14 -5.81
N ARG A 584 22.04 12.40 -6.92
CA ARG A 584 21.80 12.95 -8.25
C ARG A 584 20.90 12.01 -9.05
N MET A 585 20.11 12.58 -9.97
CA MET A 585 19.25 11.82 -10.84
C MET A 585 19.19 12.53 -12.17
N ASN A 586 19.53 11.83 -13.24
CA ASN A 586 19.42 12.32 -14.62
C ASN A 586 18.14 11.75 -15.23
N LEU A 587 17.33 12.63 -15.77
CA LEU A 587 16.06 12.25 -16.36
C LEU A 587 16.14 11.59 -17.72
N TYR A 588 17.16 11.92 -18.52
CA TYR A 588 17.18 11.37 -19.87
C TYR A 588 18.24 10.38 -20.18
N THR A 589 18.75 9.70 -19.16
CA THR A 589 19.75 8.62 -19.44
C THR A 589 19.65 7.48 -18.39
N ILE A 590 20.10 6.28 -18.73
CA ILE A 590 20.13 5.20 -17.75
C ILE A 590 21.57 4.91 -17.38
N MET A 591 22.54 5.49 -18.12
CA MET A 591 23.95 5.19 -17.87
C MET A 591 24.62 5.88 -16.69
N GLU A 592 24.08 7.02 -16.26
CA GLU A 592 24.60 7.72 -15.10
C GLU A 592 23.45 8.23 -14.29
N TYR A 593 23.46 7.95 -12.99
CA TYR A 593 22.42 8.40 -12.07
C TYR A 593 21.05 8.16 -12.58
N PRO A 594 20.76 6.94 -13.05
CA PRO A 594 19.40 6.76 -13.52
C PRO A 594 18.43 6.88 -12.34
N MET A 595 17.19 7.22 -12.62
CA MET A 595 16.12 7.23 -11.55
C MET A 595 16.00 5.80 -11.01
N THR A 596 15.69 5.61 -9.72
CA THR A 596 15.57 4.25 -9.22
C THR A 596 14.21 3.60 -9.56
N SER A 597 13.99 2.36 -9.12
CA SER A 597 12.71 1.64 -9.34
C SER A 597 12.22 0.98 -8.05
N CYS A 598 10.91 0.75 -7.92
CA CYS A 598 10.39 0.12 -6.70
C CYS A 598 10.35 -1.37 -6.93
N GLY A 599 9.39 -1.83 -7.70
CA GLY A 599 9.35 -3.28 -7.96
C GLY A 599 8.20 -3.63 -8.87
N CYS A 600 7.43 -2.61 -9.20
CA CYS A 600 6.25 -2.77 -10.01
C CYS A 600 6.50 -2.34 -11.48
N PHE A 601 7.74 -2.05 -11.85
CA PHE A 601 8.00 -1.64 -13.24
C PHE A 601 7.38 -2.60 -14.27
N GLU A 602 6.77 -2.05 -15.30
CA GLU A 602 6.24 -2.85 -16.42
C GLU A 602 7.33 -3.42 -17.27
N ALA A 603 8.50 -2.79 -17.23
CA ALA A 603 9.58 -3.31 -18.01
C ALA A 603 10.98 -2.91 -17.50
N ILE A 604 11.97 -3.70 -17.90
CA ILE A 604 13.36 -3.41 -17.57
C ILE A 604 14.15 -3.22 -18.87
N MET A 605 15.02 -2.21 -18.86
CA MET A 605 15.98 -1.79 -19.93
C MET A 605 17.36 -2.12 -19.37
N ALA A 606 18.29 -2.59 -20.18
CA ALA A 606 19.64 -2.88 -19.73
C ALA A 606 20.55 -2.67 -20.93
N TYR A 607 21.68 -1.98 -20.73
CA TYR A 607 22.62 -1.73 -21.79
C TYR A 607 23.45 -2.95 -21.91
N LEU A 608 23.74 -3.34 -23.17
CA LEU A 608 24.53 -4.52 -23.48
C LEU A 608 25.68 -4.01 -24.32
N PRO A 609 26.86 -3.88 -23.72
CA PRO A 609 27.95 -3.36 -24.57
C PRO A 609 28.29 -4.26 -25.77
N GLU A 610 27.95 -5.56 -25.70
CA GLU A 610 28.27 -6.48 -26.83
C GLU A 610 27.43 -6.15 -28.08
N LEU A 611 26.36 -5.40 -27.89
CA LEU A 611 25.55 -5.04 -29.03
C LEU A 611 25.45 -3.55 -29.16
N ASN A 612 26.12 -2.75 -28.30
CA ASN A 612 26.04 -1.26 -28.45
C ASN A 612 24.69 -0.63 -28.30
N GLY A 613 23.82 -1.31 -27.57
CA GLY A 613 22.48 -0.85 -27.37
C GLY A 613 21.75 -1.51 -26.22
N PHE A 614 20.48 -1.18 -26.19
CA PHE A 614 19.58 -1.64 -25.14
C PHE A 614 18.68 -2.86 -25.51
N MET A 615 18.44 -3.71 -24.52
CA MET A 615 17.45 -4.76 -24.64
C MET A 615 16.39 -4.23 -23.68
N ILE A 616 15.15 -4.57 -23.96
CA ILE A 616 14.07 -4.22 -23.11
C ILE A 616 13.33 -5.53 -22.85
N VAL A 617 12.90 -5.78 -21.61
CA VAL A 617 12.13 -7.02 -21.38
C VAL A 617 10.93 -6.65 -20.47
N ASN A 618 9.72 -7.05 -20.87
CA ASN A 618 8.51 -6.72 -20.11
C ASN A 618 8.22 -7.75 -19.03
N ARG A 619 7.49 -7.30 -18.04
CA ARG A 619 7.15 -8.12 -16.88
C ARG A 619 6.58 -9.48 -17.24
N GLU A 620 5.70 -9.52 -18.23
CA GLU A 620 5.11 -10.80 -18.54
C GLU A 620 5.92 -11.71 -19.40
N HIS A 621 7.06 -11.24 -19.90
CA HIS A 621 7.86 -12.12 -20.72
C HIS A 621 8.68 -13.03 -19.86
N SER A 622 8.68 -14.33 -20.20
CA SER A 622 9.39 -15.31 -19.34
C SER A 622 10.63 -15.99 -19.91
N GLY A 623 10.95 -15.69 -21.16
CA GLY A 623 12.15 -16.26 -21.77
C GLY A 623 13.48 -15.63 -21.34
N MET A 624 14.57 -16.27 -21.73
CA MET A 624 15.94 -15.80 -21.47
C MET A 624 16.17 -14.53 -22.31
N THR A 625 16.84 -13.52 -21.75
CA THR A 625 17.17 -12.31 -22.52
C THR A 625 18.69 -12.35 -22.81
N PRO A 626 19.22 -11.54 -23.76
CA PRO A 626 20.65 -11.56 -24.08
C PRO A 626 21.62 -11.16 -22.95
N ILE A 627 21.12 -10.66 -21.86
CA ILE A 627 22.03 -10.37 -20.76
C ILE A 627 22.26 -11.65 -19.91
N GLY A 628 21.60 -12.76 -20.25
CA GLY A 628 21.79 -14.03 -19.51
C GLY A 628 20.91 -14.16 -18.27
N MET A 629 19.88 -13.33 -18.20
CA MET A 629 18.97 -13.39 -17.10
C MET A 629 17.50 -13.17 -17.56
N THR A 630 16.55 -13.66 -16.77
CA THR A 630 15.13 -13.45 -17.07
C THR A 630 14.64 -12.26 -16.29
N PHE A 631 13.45 -11.79 -16.64
CA PHE A 631 12.85 -10.64 -16.01
C PHE A 631 12.89 -10.61 -14.52
N SER A 632 12.58 -11.73 -13.90
CA SER A 632 12.53 -11.73 -12.44
C SER A 632 13.90 -11.67 -11.80
N THR A 633 14.93 -12.26 -12.41
CA THR A 633 16.26 -12.16 -11.85
C THR A 633 16.68 -10.68 -11.99
N LEU A 634 16.51 -10.09 -13.16
CA LEU A 634 16.85 -8.67 -13.33
C LEU A 634 16.05 -7.83 -12.34
N ALA A 635 14.76 -8.15 -12.22
CA ALA A 635 13.95 -7.39 -11.29
C ALA A 635 14.60 -7.33 -9.89
N GLY A 636 15.16 -8.44 -9.46
CA GLY A 636 15.80 -8.48 -8.13
C GLY A 636 16.95 -7.45 -8.00
N MET A 637 17.65 -7.20 -9.09
CA MET A 637 18.75 -6.25 -9.10
C MET A 637 18.31 -4.81 -9.30
N VAL A 638 17.29 -4.63 -10.11
CA VAL A 638 16.82 -3.31 -10.46
C VAL A 638 15.86 -2.63 -9.51
N GLY A 639 15.06 -3.41 -8.76
CA GLY A 639 14.12 -2.81 -7.84
C GLY A 639 14.75 -2.44 -6.50
N GLY A 640 13.96 -1.97 -5.53
CA GLY A 640 14.52 -1.69 -4.23
C GLY A 640 15.03 -0.27 -4.03
N GLY A 641 14.79 0.66 -4.94
CA GLY A 641 15.26 2.02 -4.68
C GLY A 641 16.78 2.19 -4.62
N THR A 642 17.51 1.45 -5.44
CA THR A 642 18.97 1.58 -5.49
C THR A 642 19.32 2.05 -6.93
N GLN A 643 20.35 2.87 -7.08
CA GLN A 643 20.74 3.41 -8.38
C GLN A 643 21.59 2.42 -9.11
N THR A 644 21.14 2.04 -10.29
CA THR A 644 21.84 1.03 -11.05
C THR A 644 22.30 1.48 -12.44
N PRO A 645 23.41 2.21 -12.53
CA PRO A 645 23.81 2.63 -13.91
C PRO A 645 23.79 1.48 -14.92
N GLY A 646 23.15 1.71 -16.05
CA GLY A 646 23.07 0.69 -17.09
C GLY A 646 21.80 -0.18 -17.09
N PHE A 647 20.95 0.01 -16.09
CA PHE A 647 19.67 -0.70 -15.93
C PHE A 647 18.66 0.30 -15.47
N MET A 648 17.43 0.09 -15.87
CA MET A 648 16.40 0.97 -15.47
C MET A 648 14.99 0.36 -15.65
N GLY A 649 14.14 0.56 -14.64
CA GLY A 649 12.78 0.11 -14.65
C GLY A 649 11.92 1.23 -15.29
N ILE A 650 11.03 0.87 -16.22
CA ILE A 650 10.18 1.84 -16.93
C ILE A 650 8.74 1.39 -17.21
N GLY A 651 7.84 2.35 -17.51
CA GLY A 651 6.51 1.97 -17.95
C GLY A 651 6.61 1.71 -19.46
N LYS A 652 5.80 0.82 -19.99
CA LYS A 652 5.88 0.51 -21.41
C LYS A 652 5.68 1.73 -22.33
N SER A 653 4.76 2.60 -21.96
CA SER A 653 4.50 3.73 -22.81
C SER A 653 5.72 4.67 -22.94
N TYR A 654 6.65 4.65 -21.97
CA TYR A 654 7.83 5.54 -22.05
C TYR A 654 8.66 5.20 -23.28
N ILE A 655 8.61 3.94 -23.72
CA ILE A 655 9.36 3.48 -24.86
C ILE A 655 9.04 4.27 -26.10
N GLY A 656 7.82 4.80 -26.16
CA GLY A 656 7.40 5.60 -27.31
C GLY A 656 7.45 7.12 -27.09
N SER A 657 7.92 7.54 -25.91
CA SER A 657 8.07 8.98 -25.60
C SER A 657 9.19 9.58 -26.43
N ARG A 658 9.02 10.84 -26.77
CA ARG A 658 10.04 11.51 -27.52
C ARG A 658 11.25 11.72 -26.62
N LYS A 659 11.06 11.65 -25.30
CA LYS A 659 12.20 11.87 -24.38
C LYS A 659 12.87 10.60 -23.94
N PHE A 660 12.38 9.51 -24.49
CA PHE A 660 12.83 8.19 -24.19
C PHE A 660 14.32 8.10 -24.16
N VAL A 661 14.90 8.08 -22.96
CA VAL A 661 16.36 7.83 -22.82
C VAL A 661 17.12 8.67 -23.91
N LYS A 662 16.61 9.87 -24.10
CA LYS A 662 17.11 10.77 -25.14
C LYS A 662 18.60 11.05 -25.13
N ALA A 663 19.19 11.21 -23.95
CA ALA A 663 20.60 11.50 -23.90
C ALA A 663 21.45 10.25 -24.29
N ASP A 664 20.79 9.08 -24.36
CA ASP A 664 21.51 7.88 -24.70
C ASP A 664 21.36 7.49 -26.17
N GLY A 665 20.56 8.25 -26.91
CA GLY A 665 20.39 7.88 -28.32
C GLY A 665 18.93 7.57 -28.59
N GLY A 666 18.12 7.45 -27.55
CA GLY A 666 16.69 7.18 -27.73
C GLY A 666 16.33 5.82 -28.33
N LEU A 667 15.20 5.79 -29.02
CA LEU A 667 14.68 4.59 -29.65
C LEU A 667 15.67 3.84 -30.50
N ALA A 668 16.51 4.58 -31.24
CA ALA A 668 17.50 4.00 -32.17
C ALA A 668 18.49 3.08 -31.47
N ARG A 669 18.52 3.24 -30.15
CA ARG A 669 19.42 2.46 -29.34
C ARG A 669 18.86 1.06 -29.02
N VAL A 670 17.56 0.86 -29.24
CA VAL A 670 17.06 -0.44 -28.83
C VAL A 670 17.16 -1.53 -29.86
N VAL A 671 17.92 -2.54 -29.48
CA VAL A 671 18.27 -3.68 -30.31
C VAL A 671 17.55 -5.02 -30.09
N TRP A 672 16.80 -5.15 -28.99
CA TRP A 672 16.12 -6.42 -28.70
C TRP A 672 15.01 -6.14 -27.75
N MET A 673 13.89 -6.83 -27.97
CA MET A 673 12.70 -6.76 -27.09
C MET A 673 11.84 -7.94 -27.42
N PRO A 674 11.06 -8.47 -26.46
CA PRO A 674 10.24 -9.64 -26.81
C PRO A 674 9.29 -9.36 -27.97
N LYS A 675 9.09 -10.39 -28.78
CA LYS A 675 8.19 -10.17 -29.93
C LYS A 675 6.85 -9.62 -29.56
N ASP A 676 6.25 -10.15 -28.49
CA ASP A 676 4.93 -9.64 -28.14
C ASP A 676 4.90 -8.21 -27.79
N LEU A 677 5.88 -7.76 -27.01
CA LEU A 677 5.94 -6.35 -26.61
C LEU A 677 6.16 -5.48 -27.85
N LYS A 678 7.08 -5.91 -28.71
CA LYS A 678 7.34 -5.12 -29.91
C LYS A 678 6.05 -4.94 -30.69
N GLU A 679 5.25 -6.01 -30.80
CA GLU A 679 3.98 -5.94 -31.54
C GLU A 679 2.93 -5.07 -30.82
N GLN A 680 2.88 -5.19 -29.51
CA GLN A 680 1.98 -4.42 -28.70
C GLN A 680 2.27 -2.92 -28.85
N LEU A 681 3.50 -2.55 -29.18
CA LEU A 681 3.83 -1.12 -29.36
C LEU A 681 4.15 -0.80 -30.81
N ARG A 682 3.79 -1.69 -31.72
CA ARG A 682 4.02 -1.48 -33.15
C ARG A 682 3.74 -0.02 -33.63
N SER A 683 2.53 0.45 -33.42
CA SER A 683 2.22 1.77 -33.89
C SER A 683 3.00 2.87 -33.27
N ILE A 684 3.19 2.88 -31.96
CA ILE A 684 3.94 4.03 -31.48
C ILE A 684 5.40 3.95 -31.87
N ILE A 685 5.92 2.73 -32.01
CA ILE A 685 7.33 2.62 -32.40
C ILE A 685 7.51 3.02 -33.83
N GLU A 686 6.49 2.73 -34.66
CA GLU A 686 6.58 3.08 -36.08
C GLU A 686 6.56 4.57 -36.29
N GLU A 687 5.68 5.25 -35.57
CA GLU A 687 5.54 6.69 -35.67
C GLU A 687 6.81 7.38 -35.14
N ARG A 688 7.26 6.94 -33.97
CA ARG A 688 8.46 7.47 -33.36
C ARG A 688 9.67 7.25 -34.23
N ALA A 689 9.80 6.04 -34.76
CA ALA A 689 10.93 5.72 -35.64
C ALA A 689 10.93 6.60 -36.88
N GLU A 690 9.72 6.98 -37.30
CA GLU A 690 9.53 7.81 -38.48
C GLU A 690 10.00 9.23 -38.18
N GLU A 691 9.52 9.81 -37.09
CA GLU A 691 9.91 11.15 -36.70
C GLU A 691 11.43 11.24 -36.41
N GLU A 692 11.98 10.16 -35.89
CA GLU A 692 13.38 10.12 -35.51
C GLU A 692 14.28 9.95 -36.70
N GLY A 693 13.69 9.65 -37.86
CA GLY A 693 14.50 9.49 -39.06
C GLY A 693 15.15 8.13 -39.17
N LEU A 694 14.56 7.17 -38.46
CA LEU A 694 15.09 5.83 -38.46
C LEU A 694 14.39 5.02 -39.53
N GLY A 695 13.27 5.55 -39.99
CA GLY A 695 12.57 4.89 -41.07
C GLY A 695 11.40 4.02 -40.70
N ARG A 696 10.40 4.09 -41.56
CA ARG A 696 9.16 3.35 -41.43
C ARG A 696 9.41 1.92 -40.90
N ASP A 697 10.41 1.24 -41.45
CA ASP A 697 10.70 -0.12 -41.01
C ASP A 697 11.77 -0.39 -39.92
N PHE A 698 12.10 0.63 -39.11
CA PHE A 698 13.07 0.44 -38.00
C PHE A 698 12.67 -0.78 -37.11
N ILE A 699 11.36 -0.92 -36.87
CA ILE A 699 10.83 -2.02 -36.06
C ILE A 699 11.33 -3.35 -36.51
N ASP A 700 11.53 -3.50 -37.82
CA ASP A 700 11.96 -4.80 -38.29
C ASP A 700 13.43 -5.11 -38.02
N LYS A 701 14.19 -4.07 -37.64
CA LYS A 701 15.62 -4.24 -37.35
C LYS A 701 15.86 -4.64 -35.87
N ILE A 702 14.86 -4.40 -35.02
CA ILE A 702 14.96 -4.76 -33.60
C ILE A 702 14.85 -6.23 -33.44
N ALA A 703 15.89 -6.89 -32.98
CA ALA A 703 15.78 -8.33 -32.76
C ALA A 703 14.81 -8.69 -31.63
N ASP A 704 14.41 -9.97 -31.59
CA ASP A 704 13.56 -10.51 -30.56
C ASP A 704 13.97 -11.97 -30.29
N GLU A 705 13.25 -12.65 -29.40
CA GLU A 705 13.58 -14.01 -29.02
C GLU A 705 13.46 -15.00 -30.17
N THR A 706 12.75 -14.64 -31.24
CA THR A 706 12.71 -15.59 -32.39
C THR A 706 14.02 -15.41 -33.17
N VAL A 707 14.70 -14.27 -32.97
CA VAL A 707 16.00 -14.13 -33.61
C VAL A 707 16.97 -14.80 -32.68
N GLY A 708 16.86 -14.52 -31.39
CA GLY A 708 17.79 -15.18 -30.48
C GLY A 708 17.67 -14.66 -29.05
N THR A 709 18.33 -15.35 -28.13
CA THR A 709 18.31 -14.93 -26.75
C THR A 709 19.75 -14.69 -26.19
N THR A 710 20.77 -14.75 -27.03
CA THR A 710 22.16 -14.52 -26.61
C THR A 710 22.71 -13.43 -27.54
N VAL A 711 23.78 -12.73 -27.13
CA VAL A 711 24.31 -11.65 -27.99
C VAL A 711 24.89 -12.20 -29.30
N ASP A 712 25.61 -13.35 -29.24
CA ASP A 712 26.17 -13.97 -30.47
C ASP A 712 25.05 -14.32 -31.47
N GLU A 713 23.91 -14.77 -30.97
CA GLU A 713 22.81 -15.12 -31.86
C GLU A 713 22.22 -13.87 -32.41
N VAL A 714 22.27 -12.76 -31.66
CA VAL A 714 21.62 -11.52 -32.14
C VAL A 714 22.44 -10.59 -33.04
N LEU A 715 23.76 -10.59 -32.89
CA LEU A 715 24.59 -9.64 -33.68
C LEU A 715 24.41 -9.78 -35.20
N PRO A 716 24.51 -11.02 -35.72
CA PRO A 716 24.35 -11.31 -37.17
C PRO A 716 23.12 -10.64 -37.76
N PHE A 717 22.01 -10.76 -37.06
CA PHE A 717 20.73 -10.17 -37.47
C PHE A 717 20.81 -8.64 -37.48
N LEU A 718 21.45 -8.05 -36.47
CA LEU A 718 21.53 -6.59 -36.44
C LEU A 718 22.43 -6.09 -37.60
N GLU A 719 23.51 -6.81 -37.87
CA GLU A 719 24.42 -6.48 -38.98
C GLU A 719 23.56 -6.58 -40.24
N GLU A 720 23.10 -7.77 -40.59
CA GLU A 720 22.26 -7.95 -41.79
C GLU A 720 21.23 -6.83 -41.98
N LYS A 721 20.51 -6.48 -40.94
CA LYS A 721 19.50 -5.43 -41.04
C LYS A 721 20.05 -4.03 -40.96
N GLY A 722 21.35 -3.94 -40.74
CA GLY A 722 21.93 -2.62 -40.62
C GLY A 722 21.31 -1.84 -39.49
N HIS A 723 21.14 -2.45 -38.31
CA HIS A 723 20.58 -1.72 -37.17
C HIS A 723 21.41 -0.42 -36.88
N PRO A 724 20.73 0.70 -36.76
CA PRO A 724 21.50 1.91 -36.51
C PRO A 724 22.38 1.93 -35.25
N ALA A 725 21.98 1.26 -34.19
CA ALA A 725 22.83 1.30 -32.98
C ALA A 725 24.26 0.87 -33.27
N LEU A 726 24.43 0.02 -34.29
CA LEU A 726 25.74 -0.47 -34.56
C LEU A 726 26.66 0.64 -35.05
N SER A 727 26.10 1.76 -35.49
CA SER A 727 26.94 2.86 -35.95
C SER A 727 27.03 4.02 -34.98
N MET A 728 26.43 3.91 -33.79
CA MET A 728 26.48 5.01 -32.84
C MET A 728 27.69 4.86 -31.94
N GLU A 729 28.01 5.90 -31.19
CA GLU A 729 29.16 5.81 -30.29
C GLU A 729 28.80 4.83 -29.19
N PRO A 730 29.79 4.13 -28.68
CA PRO A 730 29.43 3.20 -27.61
C PRO A 730 29.03 4.06 -26.38
N LEU A 731 28.15 3.53 -25.54
CA LEU A 731 27.70 4.23 -24.38
C LEU A 731 28.56 3.88 -23.20
N LEU A 732 29.30 2.81 -23.38
CA LEU A 732 30.13 2.21 -22.33
C LEU A 732 29.58 2.20 -20.92
NI NI B . 5.70 0.91 -7.56
NI NI C . 7.87 -0.93 -8.44
FE1 SF4 D . 4.17 6.13 -7.71
FE2 SF4 D . 6.36 5.36 -9.04
FE3 SF4 D . 3.97 4.36 -9.80
FE4 SF4 D . 5.07 3.51 -7.47
S1 SF4 D . 5.89 3.13 -9.46
S2 SF4 D . 2.80 4.18 -7.69
S3 SF4 D . 6.17 5.42 -6.65
S4 SF4 D . 4.56 6.47 -9.95
C1 GOL E . 18.99 -12.97 36.74
O1 GOL E . 19.32 -11.57 36.03
C2 GOL E . 19.04 -14.24 36.13
O2 GOL E . 20.24 -14.83 36.26
C3 GOL E . 17.98 -14.47 35.65
O3 GOL E . 16.50 -14.26 35.23
C1 GOL F . 17.18 -8.54 40.82
O1 GOL F . 18.15 -9.41 39.87
C2 GOL F . 17.54 -7.88 42.00
O2 GOL F . 17.75 -6.58 41.79
C3 GOL F . 17.56 -8.65 42.94
O3 GOL F . 17.44 -9.99 43.75
C1 GOL G . 16.47 -14.18 40.94
O1 GOL G . 16.21 -12.62 41.19
C2 GOL G . 17.51 -14.92 41.52
O2 GOL G . 18.63 -14.19 41.62
C3 GOL G . 17.12 -16.03 41.78
O3 GOL G . 16.17 -17.27 41.93
C1 GOL H . 15.10 -17.02 16.95
O1 GOL H . 16.01 -18.31 16.59
C2 GOL H . 14.52 -16.72 18.21
O2 GOL H . 15.36 -16.85 19.16
C3 GOL H . 13.38 -16.43 18.08
O3 GOL H . 12.05 -16.16 17.36
C1 GOL I . 21.08 -2.55 39.36
O1 GOL I . 22.66 -2.39 39.13
C2 GOL I . 20.07 -2.12 38.48
O2 GOL I . 19.54 -0.92 38.87
C3 GOL I . 19.91 -2.93 37.60
O3 GOL I . 20.12 -4.22 36.76
C1 GOL J . 0.13 23.46 -17.62
O1 GOL J . -1.02 22.71 -16.75
C2 GOL J . 0.95 24.54 -17.19
O2 GOL J . 1.88 24.85 -18.11
C3 GOL J . 0.60 24.88 -16.09
O3 GOL J . -0.17 24.97 -14.73
C1 GOL K . 3.59 23.99 -14.13
O1 GOL K . 3.76 24.58 -15.63
C2 GOL K . 2.69 24.43 -13.13
O2 GOL K . 2.75 25.78 -12.96
C3 GOL K . 2.09 23.48 -12.68
O3 GOL K . 1.64 22.00 -12.47
C1 GOL L . 27.61 -8.58 -20.23
O1 GOL L . 28.53 -7.21 -20.06
C2 GOL L . 26.50 -8.75 -21.09
O2 GOL L . 26.00 -7.56 -21.41
C3 GOL L . 26.33 -9.96 -21.36
O3 GOL L . 26.54 -11.52 -21.42
C1 GOL M . 25.52 -9.56 -14.54
O1 GOL M . 25.27 -9.67 -12.95
C2 GOL M . 25.24 -8.47 -15.38
O2 GOL M . 24.32 -7.66 -14.84
C3 GOL M . 25.91 -8.52 -16.37
O3 GOL M . 26.96 -9.07 -17.39
C1 GOL N . 16.20 -20.43 42.70
O1 GOL N . 17.05 -21.39 43.71
C2 GOL N . 16.19 -20.48 41.27
O2 GOL N . 17.39 -20.89 40.78
C3 GOL N . 15.09 -20.14 40.85
O3 GOL N . 13.60 -19.67 40.84
C1 GOL O . 15.78 -10.35 7.25
O1 GOL O . 15.83 -11.44 8.40
C2 GOL O . 16.23 -9.02 7.37
O2 GOL O . 17.49 -8.98 7.84
C3 GOL O . 15.36 -8.20 7.05
O3 GOL O . 13.97 -7.69 6.53
C1 GOL P . -8.10 -7.01 4.12
O1 GOL P . -8.66 -8.50 3.88
C2 GOL P . -8.09 -5.97 3.19
O2 GOL P . -7.58 -6.38 2.02
C3 GOL P . -8.56 -4.97 3.69
O3 GOL P . -9.21 -4.01 4.77
#